data_8GD4
#
_entry.id   8GD4
#
_cell.length_a   74.803
_cell.length_b   92.364
_cell.length_c   96.474
_cell.angle_alpha   90.000
_cell.angle_beta   90.000
_cell.angle_gamma   90.000
#
_symmetry.space_group_name_H-M   'P 21 21 21'
#
loop_
_entity.id
_entity.type
_entity.pdbx_description
1 polymer 'Hdac6 protein'
2 non-polymer "2-(benzylamino)-N'-(difluoroacetyl)pyrimidine-5-carbohydrazide"
3 non-polymer 'ZINC ION'
4 non-polymer 'POTASSIUM ION'
5 water water
#
_entity_poly.entity_id   1
_entity_poly.type   'polypeptide(L)'
_entity_poly.pdbx_seq_one_letter_code
;SNAGGSSPITGLVYDQRMMLHHNMWDSHHPELPQRISRIFSRHEELRLLSRCHRIPARLATEEELALCHSSKHISIIKSS
EHMKPRDLNRLGDEYNSIFISNESYTCALLAAGSCFNSAQAILTGQVRNAVAIVRPPGHHAEKDTACGFCFFNTAALTAR
YAQSITRESLRVLIVDWDVHHGNGTQHIFEEDDSVLYISLHRYEDGAFFPNSEDANYDKVGLGKGRGYNVNIPWNGGKMG
DPEYMAAFHHLVMPIAREFAPELVLVSAGFDAARGDPLGGFQVTPEGYAHLTHQLMSLAAGRVLIILEGGYNLTSISESM
SMCTSMLLGDSPPSLDHLTPLKTSATVSINNVLRAHAPFWSSLR
;
_entity_poly.pdbx_strand_id   A,B
#
# COMPACT_ATOMS: atom_id res chain seq x y z
N PRO A 8 13.99 -18.07 19.81
CA PRO A 8 13.94 -16.69 19.28
C PRO A 8 12.73 -16.47 18.39
N ILE A 9 11.55 -16.32 19.00
CA ILE A 9 10.30 -16.18 18.26
C ILE A 9 9.75 -14.75 18.43
N THR A 10 9.19 -14.22 17.36
CA THR A 10 8.52 -12.92 17.36
C THR A 10 7.01 -13.14 17.30
N GLY A 11 6.28 -12.63 18.29
CA GLY A 11 4.83 -12.66 18.26
C GLY A 11 4.25 -11.55 17.39
N LEU A 12 3.08 -11.81 16.82
CA LEU A 12 2.34 -10.79 16.09
C LEU A 12 0.86 -10.95 16.41
N VAL A 13 0.22 -9.86 16.79
CA VAL A 13 -1.23 -9.87 16.97
C VAL A 13 -1.86 -8.90 15.98
N TYR A 14 -2.93 -9.36 15.33
CA TYR A 14 -3.70 -8.57 14.40
C TYR A 14 -5.07 -9.22 14.36
N ASP A 15 -6.12 -8.40 14.47
CA ASP A 15 -7.48 -8.91 14.40
C ASP A 15 -8.32 -7.90 13.63
N GLN A 16 -8.89 -8.36 12.52
CA GLN A 16 -9.62 -7.45 11.64
C GLN A 16 -10.86 -6.84 12.29
N ARG A 17 -11.34 -7.39 13.41
CA ARG A 17 -12.49 -6.81 14.10
C ARG A 17 -12.23 -5.37 14.54
N MET A 18 -10.96 -5.00 14.70
CA MET A 18 -10.53 -3.68 15.16
C MET A 18 -10.73 -2.61 14.09
N MET A 19 -10.96 -2.99 12.84
CA MET A 19 -11.36 -1.98 11.86
C MET A 19 -12.81 -1.53 11.98
N LEU A 20 -13.65 -2.17 12.81
CA LEU A 20 -15.06 -1.76 12.89
C LEU A 20 -15.25 -0.37 13.50
N HIS A 21 -14.31 0.10 14.32
CA HIS A 21 -14.35 1.48 14.80
C HIS A 21 -14.22 2.44 13.62
N HIS A 22 -15.22 3.30 13.40
CA HIS A 22 -15.21 4.13 12.19
C HIS A 22 -15.90 5.46 12.46
N ASN A 23 -15.62 6.40 11.56
CA ASN A 23 -16.13 7.77 11.66
C ASN A 23 -17.34 7.88 10.72
N MET A 24 -18.54 7.94 11.30
CA MET A 24 -19.69 7.89 10.41
C MET A 24 -19.98 9.22 9.73
N TRP A 25 -19.49 10.36 10.24
CA TRP A 25 -19.73 11.62 9.53
C TRP A 25 -18.61 11.97 8.56
N ASP A 26 -17.39 11.49 8.81
CA ASP A 26 -16.25 11.79 7.95
C ASP A 26 -15.52 10.47 7.71
N SER A 27 -15.97 9.73 6.68
CA SER A 27 -15.40 8.43 6.39
C SER A 27 -13.94 8.51 5.92
N HIS A 28 -13.43 9.70 5.61
CA HIS A 28 -12.03 9.86 5.21
C HIS A 28 -11.16 10.44 6.31
N HIS A 29 -11.66 10.49 7.53
CA HIS A 29 -10.85 10.90 8.66
C HIS A 29 -9.58 10.06 8.70
N PRO A 30 -8.42 10.67 8.98
CA PRO A 30 -7.13 9.95 8.82
C PRO A 30 -6.96 8.72 9.70
N GLU A 31 -7.66 8.60 10.82
CA GLU A 31 -7.54 7.41 11.67
C GLU A 31 -8.44 6.29 11.12
N LEU A 32 -8.02 5.76 9.95
CA LEU A 32 -8.82 4.90 9.08
C LEU A 32 -8.80 3.45 9.57
N PRO A 33 -9.93 2.74 9.43
CA PRO A 33 -9.91 1.28 9.63
C PRO A 33 -8.78 0.59 8.86
N GLN A 34 -8.52 0.99 7.63
CA GLN A 34 -7.54 0.24 6.86
C GLN A 34 -6.09 0.56 7.26
N ARG A 35 -5.86 1.41 8.27
CA ARG A 35 -4.50 1.52 8.83
C ARG A 35 -4.00 0.15 9.27
N ILE A 36 -4.81 -0.61 10.00
CA ILE A 36 -4.26 -1.86 10.52
C ILE A 36 -4.25 -2.94 9.44
N SER A 37 -5.25 -2.97 8.55
CA SER A 37 -5.22 -4.00 7.52
C SER A 37 -4.10 -3.76 6.50
N ARG A 38 -3.73 -2.50 6.24
CA ARG A 38 -2.63 -2.26 5.31
C ARG A 38 -1.28 -2.68 5.91
N ILE A 39 -1.08 -2.45 7.21
CA ILE A 39 0.14 -2.91 7.86
C ILE A 39 0.22 -4.44 7.82
N PHE A 40 -0.90 -5.09 8.13
CA PHE A 40 -0.96 -6.55 8.06
C PHE A 40 -0.62 -7.05 6.66
N SER A 41 -1.24 -6.44 5.64
CA SER A 41 -0.99 -6.87 4.26
C SER A 41 0.48 -6.72 3.90
N ARG A 42 1.10 -5.63 4.32
CA ARG A 42 2.50 -5.44 3.97
C ARG A 42 3.39 -6.49 4.63
N HIS A 43 3.02 -6.93 5.84
CA HIS A 43 3.74 -8.06 6.45
C HIS A 43 3.60 -9.33 5.61
N GLU A 44 2.39 -9.58 5.11
CA GLU A 44 2.18 -10.72 4.21
C GLU A 44 3.08 -10.63 2.97
N GLU A 45 2.98 -9.53 2.21
CA GLU A 45 3.72 -9.52 0.94
C GLU A 45 5.23 -9.41 1.14
N LEU A 46 5.70 -8.97 2.30
CA LEU A 46 7.13 -9.07 2.58
C LEU A 46 7.50 -10.43 3.18
N ARG A 47 6.55 -11.36 3.27
CA ARG A 47 6.78 -12.70 3.84
C ARG A 47 7.32 -12.64 5.27
N LEU A 48 6.94 -11.58 6.00
CA LEU A 48 7.28 -11.48 7.41
C LEU A 48 6.26 -12.21 8.28
N LEU A 49 4.99 -12.23 7.85
CA LEU A 49 3.93 -12.78 8.70
C LEU A 49 4.18 -14.24 9.02
N SER A 50 4.59 -15.03 8.03
CA SER A 50 4.78 -16.46 8.28
C SER A 50 5.99 -16.74 9.18
N ARG A 51 6.87 -15.76 9.34
CA ARG A 51 8.01 -15.87 10.23
C ARG A 51 7.64 -15.57 11.69
N CYS A 52 6.46 -15.03 11.93
CA CYS A 52 6.00 -14.67 13.26
C CYS A 52 5.09 -15.75 13.82
N HIS A 53 5.00 -15.79 15.15
CA HIS A 53 3.99 -16.61 15.81
C HIS A 53 2.77 -15.74 16.09
N ARG A 54 1.64 -16.15 15.56
CA ARG A 54 0.41 -15.38 15.69
C ARG A 54 -0.13 -15.47 17.12
N ILE A 55 -0.33 -14.32 17.74
CA ILE A 55 -0.88 -14.21 19.09
C ILE A 55 -2.33 -13.77 18.97
N PRO A 56 -3.28 -14.45 19.63
CA PRO A 56 -4.69 -14.05 19.51
C PRO A 56 -5.02 -12.74 20.21
N ALA A 57 -6.00 -12.03 19.66
CA ALA A 57 -6.59 -10.86 20.31
C ALA A 57 -7.59 -11.30 21.39
N ARG A 58 -7.86 -10.41 22.33
CA ARG A 58 -8.93 -10.64 23.30
C ARG A 58 -9.42 -9.29 23.81
N LEU A 59 -10.60 -9.30 24.42
CA LEU A 59 -11.08 -8.11 25.09
C LEU A 59 -10.35 -7.90 26.41
N ALA A 60 -9.93 -6.67 26.66
CA ALA A 60 -9.62 -6.29 28.02
C ALA A 60 -10.89 -6.38 28.83
N THR A 61 -10.74 -6.68 30.11
CA THR A 61 -11.85 -6.62 31.05
C THR A 61 -11.97 -5.22 31.62
N GLU A 62 -13.13 -4.93 32.21
CA GLU A 62 -13.31 -3.65 32.89
C GLU A 62 -12.35 -3.54 34.07
N GLU A 63 -12.12 -4.64 34.79
CA GLU A 63 -11.14 -4.61 35.86
C GLU A 63 -9.76 -4.25 35.32
N GLU A 64 -9.41 -4.75 34.13
CA GLU A 64 -8.11 -4.41 33.58
C GLU A 64 -8.06 -2.93 33.22
N LEU A 65 -9.14 -2.41 32.62
CA LEU A 65 -9.20 -0.99 32.29
C LEU A 65 -8.98 -0.13 33.53
N ALA A 66 -9.51 -0.57 34.68
CA ALA A 66 -9.40 0.18 35.92
C ALA A 66 -7.98 0.30 36.42
N LEU A 67 -7.05 -0.49 35.86
CA LEU A 67 -5.64 -0.32 36.20
C LEU A 67 -5.16 1.11 35.91
N CYS A 68 -5.72 1.78 34.91
CA CYS A 68 -5.30 3.14 34.62
C CYS A 68 -6.43 4.15 34.51
N HIS A 69 -7.68 3.71 34.40
CA HIS A 69 -8.77 4.63 34.06
C HIS A 69 -9.84 4.61 35.15
N SER A 70 -10.46 5.78 35.32
CA SER A 70 -11.52 5.96 36.28
C SER A 70 -12.76 5.16 35.90
N SER A 71 -13.56 4.81 36.91
CA SER A 71 -14.78 4.07 36.62
C SER A 71 -15.75 4.90 35.77
N LYS A 72 -15.79 6.21 35.97
CA LYS A 72 -16.70 7.05 35.19
C LYS A 72 -16.36 6.98 33.71
N HIS A 73 -15.07 7.14 33.38
CA HIS A 73 -14.68 7.17 31.99
C HIS A 73 -14.98 5.82 31.33
N ILE A 74 -14.65 4.73 32.03
CA ILE A 74 -14.95 3.40 31.51
C ILE A 74 -16.44 3.27 31.24
N SER A 75 -17.28 3.72 32.20
CA SER A 75 -18.72 3.57 32.03
C SER A 75 -19.25 4.38 30.84
N ILE A 76 -18.69 5.57 30.61
CA ILE A 76 -19.19 6.42 29.53
C ILE A 76 -18.85 5.82 28.17
N ILE A 77 -17.59 5.42 27.97
CA ILE A 77 -17.22 4.79 26.71
C ILE A 77 -18.00 3.49 26.52
N LYS A 78 -18.12 2.70 27.60
CA LYS A 78 -18.92 1.47 27.51
C LYS A 78 -20.34 1.76 27.06
N SER A 79 -20.96 2.81 27.61
CA SER A 79 -22.34 3.13 27.29
C SER A 79 -22.50 3.53 25.82
N SER A 80 -21.42 3.94 25.15
CA SER A 80 -21.57 4.37 23.76
C SER A 80 -21.90 3.23 22.82
N GLU A 81 -21.66 1.97 23.24
CA GLU A 81 -21.97 0.83 22.37
C GLU A 81 -23.46 0.78 21.99
N HIS A 82 -24.34 1.29 22.86
CA HIS A 82 -25.77 1.25 22.67
C HIS A 82 -26.37 2.61 22.31
N MET A 83 -25.54 3.53 21.82
CA MET A 83 -25.97 4.90 21.58
C MET A 83 -26.47 5.06 20.15
N LYS A 84 -27.48 5.91 19.98
CA LYS A 84 -27.91 6.32 18.66
C LYS A 84 -26.89 7.31 18.11
N PRO A 85 -26.85 7.52 16.79
CA PRO A 85 -25.87 8.45 16.22
C PRO A 85 -25.88 9.84 16.84
N ARG A 86 -27.05 10.41 17.14
CA ARG A 86 -27.07 11.75 17.71
C ARG A 86 -26.35 11.78 19.06
N ASP A 87 -26.59 10.76 19.89
CA ASP A 87 -25.81 10.62 21.13
C ASP A 87 -24.33 10.45 20.83
N LEU A 88 -24.00 9.64 19.81
CA LEU A 88 -22.60 9.35 19.49
C LEU A 88 -21.88 10.60 19.03
N ASN A 89 -22.51 11.37 18.13
CA ASN A 89 -21.88 12.60 17.65
C ASN A 89 -21.69 13.59 18.79
N ARG A 90 -22.71 13.72 19.64
CA ARG A 90 -22.64 14.68 20.75
C ARG A 90 -21.60 14.26 21.79
N LEU A 91 -21.55 12.96 22.13
CA LEU A 91 -20.56 12.49 23.10
C LEU A 91 -19.14 12.67 22.55
N GLY A 92 -18.92 12.27 21.30
CA GLY A 92 -17.62 12.48 20.68
C GLY A 92 -17.17 13.91 20.75
N ASP A 93 -18.10 14.85 20.55
CA ASP A 93 -17.75 16.26 20.53
C ASP A 93 -17.46 16.80 21.91
N GLU A 94 -17.74 16.03 22.97
CA GLU A 94 -17.33 16.42 24.31
C GLU A 94 -15.82 16.27 24.53
N TYR A 95 -15.11 15.54 23.66
CA TYR A 95 -13.67 15.32 23.80
C TYR A 95 -12.89 16.12 22.76
N ASN A 96 -11.58 16.19 22.97
CA ASN A 96 -10.68 16.77 22.00
C ASN A 96 -10.32 15.71 20.96
N SER A 97 -10.86 15.84 19.75
CA SER A 97 -10.46 15.03 18.60
C SER A 97 -10.81 13.55 18.78
N ILE A 98 -12.12 13.28 18.93
CA ILE A 98 -12.63 11.92 19.10
C ILE A 98 -13.84 11.75 18.21
N PHE A 99 -13.91 10.64 17.48
CA PHE A 99 -15.13 10.14 16.87
C PHE A 99 -15.47 8.78 17.46
N ILE A 100 -16.76 8.48 17.54
CA ILE A 100 -17.27 7.28 18.20
C ILE A 100 -18.32 6.65 17.29
N SER A 101 -18.21 5.33 17.12
CA SER A 101 -19.26 4.52 16.53
C SER A 101 -19.66 3.45 17.53
N ASN A 102 -20.72 2.70 17.21
CA ASN A 102 -21.23 1.70 18.17
C ASN A 102 -20.19 0.62 18.46
N GLU A 103 -19.21 0.45 17.59
CA GLU A 103 -18.19 -0.57 17.74
C GLU A 103 -16.93 -0.06 18.43
N SER A 104 -16.83 1.25 18.69
CA SER A 104 -15.59 1.84 19.19
C SER A 104 -15.12 1.18 20.49
N TYR A 105 -16.04 1.02 21.46
CA TYR A 105 -15.67 0.48 22.75
C TYR A 105 -15.03 -0.89 22.63
N THR A 106 -15.70 -1.79 21.90
CA THR A 106 -15.20 -3.14 21.70
C THR A 106 -13.84 -3.12 21.01
N CYS A 107 -13.67 -2.25 20.02
CA CYS A 107 -12.37 -2.18 19.35
C CYS A 107 -11.29 -1.76 20.32
N ALA A 108 -11.58 -0.78 21.16
CA ALA A 108 -10.58 -0.34 22.13
C ALA A 108 -10.26 -1.45 23.12
N LEU A 109 -11.27 -2.22 23.56
CA LEU A 109 -11.00 -3.38 24.42
C LEU A 109 -10.10 -4.39 23.72
N LEU A 110 -10.37 -4.65 22.43
CA LEU A 110 -9.56 -5.60 21.67
C LEU A 110 -8.13 -5.11 21.52
N ALA A 111 -7.94 -3.82 21.25
CA ALA A 111 -6.59 -3.26 21.17
C ALA A 111 -5.82 -3.50 22.46
N ALA A 112 -6.44 -3.17 23.59
CA ALA A 112 -5.77 -3.36 24.87
C ALA A 112 -5.51 -4.84 25.14
N GLY A 113 -6.53 -5.67 24.99
CA GLY A 113 -6.39 -7.10 25.26
C GLY A 113 -5.40 -7.78 24.33
N SER A 114 -5.33 -7.33 23.07
CA SER A 114 -4.31 -7.86 22.17
C SER A 114 -2.91 -7.62 22.74
N CYS A 115 -2.70 -6.45 23.34
CA CYS A 115 -1.38 -6.11 23.87
C CYS A 115 -1.10 -6.83 25.19
N PHE A 116 -2.13 -7.06 26.01
CA PHE A 116 -1.94 -7.85 27.23
C PHE A 116 -1.45 -9.24 26.87
N ASN A 117 -2.11 -9.89 25.90
CA ASN A 117 -1.71 -11.22 25.46
C ASN A 117 -0.28 -11.21 24.91
N SER A 118 0.09 -10.17 24.19
CA SER A 118 1.45 -10.11 23.68
C SER A 118 2.45 -9.92 24.81
N ALA A 119 2.12 -9.09 25.79
CA ALA A 119 3.00 -8.91 26.93
C ALA A 119 3.13 -10.21 27.73
N GLN A 120 2.00 -10.91 27.91
CA GLN A 120 2.02 -12.19 28.61
C GLN A 120 2.92 -13.21 27.90
N ALA A 121 2.82 -13.24 26.56
CA ALA A 121 3.63 -14.16 25.79
C ALA A 121 5.11 -13.86 25.95
N ILE A 122 5.46 -12.57 25.94
CA ILE A 122 6.85 -12.16 26.17
C ILE A 122 7.30 -12.55 27.57
N LEU A 123 6.49 -12.21 28.56
CA LEU A 123 6.93 -12.33 29.95
C LEU A 123 7.03 -13.79 30.38
N THR A 124 6.18 -14.67 29.82
CA THR A 124 6.28 -16.09 30.09
C THR A 124 7.25 -16.81 29.17
N GLY A 125 7.89 -16.11 28.25
CA GLY A 125 8.91 -16.72 27.40
C GLY A 125 8.38 -17.50 26.23
N GLN A 126 7.09 -17.40 25.93
CA GLN A 126 6.57 -18.05 24.73
C GLN A 126 7.12 -17.39 23.48
N VAL A 127 7.36 -16.07 23.52
CA VAL A 127 7.99 -15.35 22.43
C VAL A 127 9.07 -14.46 23.02
N ARG A 128 10.02 -14.07 22.16
CA ARG A 128 11.09 -13.20 22.59
C ARG A 128 10.63 -11.74 22.57
N ASN A 129 9.90 -11.35 21.53
CA ASN A 129 9.43 -9.98 21.36
C ASN A 129 8.14 -10.08 20.55
N ALA A 130 7.49 -8.93 20.29
CA ALA A 130 6.20 -8.98 19.60
C ALA A 130 5.84 -7.62 19.03
N VAL A 131 4.90 -7.66 18.07
CA VAL A 131 4.36 -6.46 17.44
C VAL A 131 2.84 -6.56 17.50
N ALA A 132 2.18 -5.43 17.82
CA ALA A 132 0.73 -5.37 17.97
C ALA A 132 0.17 -4.35 16.98
N ILE A 133 -0.55 -4.84 15.99
CA ILE A 133 -1.13 -4.02 14.93
C ILE A 133 -2.59 -3.78 15.34
N VAL A 134 -2.79 -2.71 16.10
CA VAL A 134 -4.04 -2.46 16.81
C VAL A 134 -4.51 -1.05 16.52
N ARG A 135 -5.83 -0.88 16.57
CA ARG A 135 -6.46 0.43 16.63
C ARG A 135 -7.78 0.24 17.37
N PRO A 136 -8.36 1.32 17.94
CA PRO A 136 -7.86 2.71 18.00
C PRO A 136 -6.61 2.84 18.86
N PRO A 137 -5.85 3.91 18.64
CA PRO A 137 -4.60 4.13 19.40
C PRO A 137 -4.83 4.50 20.86
N GLY A 138 -3.75 4.70 21.62
CA GLY A 138 -3.95 4.85 23.06
C GLY A 138 -3.28 6.00 23.79
N HIS A 139 -2.13 6.50 23.31
CA HIS A 139 -1.28 7.25 24.23
C HIS A 139 -1.81 8.65 24.57
N HIS A 140 -2.80 9.17 23.84
CA HIS A 140 -3.44 10.41 24.26
C HIS A 140 -4.53 10.20 25.30
N ALA A 141 -5.00 8.96 25.52
CA ALA A 141 -6.08 8.73 26.47
C ALA A 141 -5.59 8.96 27.90
N GLU A 142 -6.39 9.69 28.67
CA GLU A 142 -6.10 10.05 30.05
C GLU A 142 -6.83 9.12 31.02
N LYS A 143 -6.42 9.17 32.29
CA LYS A 143 -7.15 8.44 33.32
C LYS A 143 -8.66 8.61 33.17
N ASP A 144 -9.12 9.85 33.01
CA ASP A 144 -10.54 10.17 33.10
C ASP A 144 -11.16 10.66 31.79
N THR A 145 -10.42 10.64 30.68
CA THR A 145 -11.08 11.13 29.46
C THR A 145 -10.39 10.61 28.20
N ALA A 146 -11.15 10.62 27.11
CA ALA A 146 -10.65 10.25 25.79
C ALA A 146 -10.08 11.50 25.09
N CYS A 147 -9.19 11.28 24.12
CA CYS A 147 -8.50 12.40 23.52
C CYS A 147 -7.68 11.94 22.32
N GLY A 148 -7.66 12.78 21.28
CA GLY A 148 -6.75 12.56 20.15
C GLY A 148 -6.84 11.19 19.51
N PHE A 149 -8.06 10.71 19.24
CA PHE A 149 -8.39 9.43 18.58
C PHE A 149 -8.21 8.23 19.53
N CYS A 150 -7.87 8.43 20.80
CA CYS A 150 -7.63 7.36 21.76
C CYS A 150 -8.74 7.30 22.81
N PHE A 151 -9.17 6.07 23.13
CA PHE A 151 -10.17 5.88 24.19
C PHE A 151 -9.56 5.43 25.51
N PHE A 152 -8.75 4.37 25.51
CA PHE A 152 -8.04 3.90 26.69
C PHE A 152 -6.56 3.80 26.36
N ASN A 153 -5.72 3.98 27.36
CA ASN A 153 -4.29 4.08 27.12
C ASN A 153 -3.70 2.67 27.08
N THR A 154 -3.73 2.08 25.89
CA THR A 154 -3.30 0.71 25.69
C THR A 154 -1.90 0.44 26.26
N ALA A 155 -0.93 1.29 25.95
CA ALA A 155 0.44 1.04 26.43
C ALA A 155 0.54 1.16 27.95
N ALA A 156 -0.07 2.20 28.53
CA ALA A 156 -0.07 2.36 29.97
C ALA A 156 -0.73 1.16 30.64
N LEU A 157 -1.87 0.71 30.11
CA LEU A 157 -2.56 -0.47 30.61
C LEU A 157 -1.67 -1.72 30.53
N THR A 158 -0.94 -1.88 29.43
CA THR A 158 -0.08 -3.06 29.26
C THR A 158 1.06 -3.06 30.28
N ALA A 159 1.58 -1.88 30.61
CA ALA A 159 2.62 -1.82 31.64
C ALA A 159 2.07 -2.26 32.99
N ARG A 160 0.88 -1.80 33.35
CA ARG A 160 0.25 -2.24 34.60
C ARG A 160 -0.13 -3.71 34.54
N TYR A 161 -0.66 -4.18 33.40
CA TYR A 161 -0.95 -5.60 33.27
C TYR A 161 0.30 -6.44 33.45
N ALA A 162 1.41 -6.00 32.85
CA ALA A 162 2.68 -6.71 32.98
C ALA A 162 3.08 -6.83 34.44
N GLN A 163 3.02 -5.73 35.18
CA GLN A 163 3.36 -5.78 36.59
C GLN A 163 2.41 -6.70 37.35
N SER A 164 1.14 -6.76 36.91
CA SER A 164 0.17 -7.58 37.62
C SER A 164 0.46 -9.08 37.48
N ILE A 165 1.17 -9.51 36.43
CA ILE A 165 1.48 -10.93 36.26
C ILE A 165 2.92 -11.25 36.57
N THR A 166 3.68 -10.26 37.09
CA THR A 166 5.05 -10.50 37.52
C THR A 166 5.21 -10.06 38.97
N ARG A 167 5.71 -8.85 39.18
CA ARG A 167 5.66 -8.23 40.50
C ARG A 167 5.33 -6.77 40.32
N GLU A 168 4.79 -6.15 41.37
CA GLU A 168 4.32 -4.77 41.25
C GLU A 168 5.43 -3.82 40.79
N SER A 169 6.68 -4.07 41.18
CA SER A 169 7.75 -3.13 40.88
C SER A 169 8.51 -3.45 39.58
N LEU A 170 7.99 -4.33 38.73
CA LEU A 170 8.65 -4.64 37.46
C LEU A 170 8.98 -3.37 36.69
N ARG A 171 10.21 -3.24 36.23
CA ARG A 171 10.66 -2.01 35.59
C ARG A 171 10.25 -2.02 34.11
N VAL A 172 9.31 -1.15 33.75
CA VAL A 172 8.82 -1.05 32.38
C VAL A 172 9.28 0.26 31.77
N LEU A 173 9.95 0.18 30.63
CA LEU A 173 10.26 1.36 29.83
C LEU A 173 9.24 1.49 28.71
N ILE A 174 8.62 2.67 28.61
CA ILE A 174 7.77 3.02 27.49
C ILE A 174 8.50 4.08 26.67
N VAL A 175 8.87 3.74 25.44
CA VAL A 175 9.43 4.68 24.48
C VAL A 175 8.34 5.05 23.50
N ASP A 176 8.03 6.33 23.42
CA ASP A 176 6.90 6.82 22.65
C ASP A 176 7.49 7.64 21.50
N TRP A 177 7.63 7.02 20.33
CA TRP A 177 8.21 7.74 19.21
C TRP A 177 7.17 8.21 18.20
N ASP A 178 5.88 8.05 18.53
CA ASP A 178 4.84 8.79 17.82
C ASP A 178 5.21 10.26 17.80
N VAL A 179 4.81 10.98 16.74
CA VAL A 179 5.28 12.34 16.58
C VAL A 179 4.64 13.27 17.60
N HIS A 180 3.56 12.85 18.25
CA HIS A 180 2.87 13.63 19.25
C HIS A 180 3.24 13.16 20.65
N HIS A 181 3.18 14.09 21.60
CA HIS A 181 3.40 13.77 23.00
C HIS A 181 2.31 12.84 23.49
N GLY A 182 2.71 11.80 24.25
CA GLY A 182 1.76 10.92 24.93
C GLY A 182 1.32 11.51 26.24
N ASN A 183 0.47 12.55 26.16
CA ASN A 183 0.04 13.25 27.36
C ASN A 183 -0.58 12.29 28.36
N GLY A 184 -1.38 11.33 27.88
CA GLY A 184 -2.02 10.39 28.78
C GLY A 184 -0.99 9.55 29.51
N THR A 185 -0.03 9.00 28.77
CA THR A 185 0.98 8.13 29.37
C THR A 185 1.83 8.89 30.38
N GLN A 186 2.22 10.12 30.06
CA GLN A 186 3.01 10.91 31.01
C GLN A 186 2.25 11.10 32.32
N HIS A 187 0.99 11.51 32.21
CA HIS A 187 0.20 11.78 33.40
C HIS A 187 0.01 10.53 34.23
N ILE A 188 -0.29 9.40 33.57
CA ILE A 188 -0.62 8.18 34.30
C ILE A 188 0.56 7.74 35.16
N PHE A 189 1.78 7.89 34.65
CA PHE A 189 2.96 7.44 35.36
C PHE A 189 3.77 8.58 35.94
N GLU A 190 3.24 9.79 35.96
CA GLU A 190 4.07 10.95 36.31
C GLU A 190 4.67 10.82 37.70
N GLU A 191 3.99 10.14 38.62
CA GLU A 191 4.50 9.99 39.99
C GLU A 191 5.08 8.61 40.22
N ASP A 192 5.43 7.90 39.16
CA ASP A 192 5.76 6.48 39.25
C ASP A 192 7.19 6.27 38.79
N ASP A 193 8.00 5.61 39.63
CA ASP A 193 9.38 5.31 39.29
C ASP A 193 9.61 3.88 38.81
N SER A 194 8.55 3.08 38.69
CA SER A 194 8.64 1.75 38.10
C SER A 194 8.33 1.73 36.61
N VAL A 195 7.78 2.82 36.06
CA VAL A 195 7.51 2.94 34.64
C VAL A 195 8.22 4.20 34.16
N LEU A 196 9.31 4.01 33.43
CA LEU A 196 10.07 5.13 32.88
C LEU A 196 9.44 5.52 31.55
N TYR A 197 8.99 6.75 31.45
CA TYR A 197 8.35 7.24 30.23
C TYR A 197 9.32 8.17 29.50
N ILE A 198 9.61 7.83 28.24
CA ILE A 198 10.48 8.59 27.36
C ILE A 198 9.71 8.86 26.07
N SER A 199 9.44 10.13 25.78
CA SER A 199 8.70 10.52 24.58
C SER A 199 9.54 11.49 23.76
N LEU A 200 9.63 11.22 22.46
CA LEU A 200 10.13 12.18 21.47
CA LEU A 200 10.13 12.18 21.47
C LEU A 200 8.93 12.76 20.73
N HIS A 201 8.92 14.08 20.54
CA HIS A 201 7.73 14.62 19.91
C HIS A 201 7.97 15.99 19.31
N ARG A 202 7.24 16.26 18.22
CA ARG A 202 7.14 17.61 17.70
C ARG A 202 6.36 18.46 18.70
N TYR A 203 6.96 19.57 19.12
CA TYR A 203 6.45 20.42 20.19
C TYR A 203 6.15 21.83 19.72
N GLU A 204 7.11 22.49 19.08
CA GLU A 204 6.94 23.85 18.56
C GLU A 204 6.48 24.79 19.67
N ASP A 205 7.21 24.75 20.79
CA ASP A 205 6.93 25.61 21.94
C ASP A 205 5.48 25.52 22.35
N GLY A 206 4.90 24.33 22.20
CA GLY A 206 3.51 24.09 22.51
C GLY A 206 2.52 24.33 21.39
N ALA A 207 2.97 24.71 20.20
CA ALA A 207 2.07 24.95 19.07
C ALA A 207 1.97 23.72 18.18
N PHE A 208 1.71 22.56 18.80
CA PHE A 208 1.50 21.33 18.08
C PHE A 208 0.65 20.42 18.97
N PHE A 209 -0.30 19.71 18.36
CA PHE A 209 -1.16 18.83 19.13
C PHE A 209 -0.31 17.89 19.99
N PRO A 210 -0.66 17.67 21.27
CA PRO A 210 -1.88 18.13 21.96
C PRO A 210 -1.81 19.53 22.60
N ASN A 211 -0.86 20.39 22.21
CA ASN A 211 -0.90 21.82 22.51
C ASN A 211 -0.73 22.12 24.00
N SER A 212 0.12 21.39 24.69
CA SER A 212 0.31 21.62 26.12
C SER A 212 1.78 21.70 26.47
N GLU A 213 2.11 22.64 27.38
CA GLU A 213 3.48 22.74 27.84
C GLU A 213 3.90 21.59 28.74
N ASP A 214 2.97 20.69 29.09
CA ASP A 214 3.33 19.44 29.76
C ASP A 214 4.38 18.66 28.99
N ALA A 215 4.43 18.84 27.67
CA ALA A 215 5.37 18.09 26.83
C ALA A 215 6.78 18.66 26.82
N ASN A 216 7.04 19.77 27.52
CA ASN A 216 8.36 20.40 27.45
C ASN A 216 9.40 19.58 28.22
N TYR A 217 10.69 19.89 28.00
CA TYR A 217 11.74 19.05 28.56
C TYR A 217 11.86 19.16 30.07
N ASP A 218 11.33 20.22 30.67
CA ASP A 218 11.50 20.43 32.09
C ASP A 218 10.50 19.64 32.92
N LYS A 219 9.54 18.96 32.31
CA LYS A 219 8.62 18.11 33.06
C LYS A 219 9.33 16.78 33.21
N VAL A 220 9.95 16.57 34.37
CA VAL A 220 10.79 15.42 34.61
C VAL A 220 10.11 14.37 35.48
N GLY A 221 8.85 14.58 35.83
CA GLY A 221 8.14 13.72 36.76
C GLY A 221 7.96 14.39 38.12
N LEU A 222 7.14 13.74 38.95
CA LEU A 222 6.70 14.32 40.21
C LEU A 222 6.82 13.30 41.31
N GLY A 223 7.11 13.79 42.53
CA GLY A 223 7.12 12.92 43.70
C GLY A 223 8.14 11.81 43.57
N LYS A 224 7.71 10.56 43.82
CA LYS A 224 8.61 9.43 43.60
C LYS A 224 9.05 9.29 42.15
N GLY A 225 8.28 9.85 41.21
CA GLY A 225 8.58 9.75 39.80
C GLY A 225 9.55 10.78 39.25
N ARG A 226 10.14 11.63 40.09
CA ARG A 226 11.08 12.63 39.57
C ARG A 226 12.28 11.96 38.92
N GLY A 227 12.53 12.33 37.67
CA GLY A 227 13.56 11.72 36.86
C GLY A 227 13.06 10.62 35.95
N TYR A 228 11.84 10.12 36.16
CA TYR A 228 11.31 9.00 35.39
C TYR A 228 10.32 9.43 34.33
N ASN A 229 10.33 10.70 33.94
CA ASN A 229 9.60 11.21 32.79
C ASN A 229 10.59 12.01 31.97
N VAL A 230 10.83 11.59 30.73
CA VAL A 230 11.82 12.23 29.86
C VAL A 230 11.12 12.72 28.60
N ASN A 231 10.97 14.03 28.48
CA ASN A 231 10.40 14.64 27.28
C ASN A 231 11.53 15.17 26.42
N ILE A 232 11.55 14.76 25.15
CA ILE A 232 12.49 15.24 24.14
C ILE A 232 11.68 16.00 23.09
N PRO A 233 11.56 17.32 23.26
CA PRO A 233 10.66 18.09 22.38
C PRO A 233 11.37 18.76 21.21
N TRP A 234 10.82 18.61 20.01
CA TRP A 234 11.41 19.19 18.81
C TRP A 234 10.77 20.54 18.47
N ASN A 235 11.60 21.52 18.15
CA ASN A 235 11.16 22.84 17.74
C ASN A 235 11.84 23.26 16.44
N GLY A 236 11.08 23.92 15.55
CA GLY A 236 11.60 24.62 14.40
C GLY A 236 12.50 23.81 13.51
N GLY A 237 11.93 22.83 12.81
CA GLY A 237 12.73 21.96 11.99
C GLY A 237 11.99 20.69 11.63
N LYS A 238 12.15 20.28 10.36
CA LYS A 238 11.55 19.05 9.85
C LYS A 238 12.55 17.95 10.23
N MET A 239 12.33 17.35 11.38
CA MET A 239 13.29 16.38 11.91
C MET A 239 13.16 15.06 11.18
N GLY A 240 14.23 14.28 11.22
CA GLY A 240 14.30 13.03 10.49
C GLY A 240 15.28 12.09 11.15
N ASP A 241 15.83 11.17 10.36
CA ASP A 241 16.73 10.16 10.90
C ASP A 241 17.92 10.74 11.65
N PRO A 242 18.58 11.81 11.19
CA PRO A 242 19.78 12.27 11.92
C PRO A 242 19.44 12.71 13.33
N GLU A 243 18.33 13.42 13.48
CA GLU A 243 17.91 13.91 14.79
C GLU A 243 17.49 12.77 15.71
N TYR A 244 16.74 11.79 15.19
CA TYR A 244 16.29 10.71 16.03
C TYR A 244 17.46 9.79 16.45
N MET A 245 18.37 9.49 15.52
CA MET A 245 19.60 8.79 15.89
C MET A 245 20.35 9.50 17.02
N ALA A 246 20.48 10.83 16.92
CA ALA A 246 21.21 11.61 17.93
C ALA A 246 20.52 11.57 19.28
N ALA A 247 19.19 11.76 19.30
CA ALA A 247 18.44 11.64 20.54
C ALA A 247 18.62 10.25 21.17
N PHE A 248 18.60 9.18 20.37
CA PHE A 248 18.79 7.85 20.93
C PHE A 248 20.19 7.67 21.49
N HIS A 249 21.20 8.15 20.76
CA HIS A 249 22.58 8.01 21.20
C HIS A 249 22.84 8.79 22.49
N HIS A 250 22.40 10.05 22.56
CA HIS A 250 22.71 10.89 23.70
C HIS A 250 21.74 10.75 24.88
N LEU A 251 20.47 10.43 24.62
CA LEU A 251 19.47 10.49 25.69
C LEU A 251 18.78 9.15 25.90
N VAL A 252 18.12 8.61 24.87
CA VAL A 252 17.23 7.47 25.10
C VAL A 252 18.01 6.25 25.56
N MET A 253 19.03 5.85 24.79
CA MET A 253 19.80 4.66 25.17
C MET A 253 20.55 4.78 26.49
N PRO A 254 21.27 5.87 26.80
CA PRO A 254 21.94 5.91 28.12
C PRO A 254 20.99 5.86 29.31
N ILE A 255 19.91 6.64 29.28
CA ILE A 255 18.91 6.60 30.36
C ILE A 255 18.29 5.22 30.47
N ALA A 256 17.89 4.65 29.34
CA ALA A 256 17.26 3.32 29.35
C ALA A 256 18.17 2.26 29.95
N ARG A 257 19.45 2.26 29.55
CA ARG A 257 20.40 1.27 30.06
CA ARG A 257 20.37 1.25 30.06
C ARG A 257 20.61 1.43 31.55
N GLU A 258 20.63 2.67 32.04
CA GLU A 258 20.77 2.87 33.47
C GLU A 258 19.55 2.34 34.20
N PHE A 259 18.36 2.64 33.66
CA PHE A 259 17.11 2.18 34.25
C PHE A 259 17.05 0.65 34.32
N ALA A 260 17.68 -0.04 33.36
CA ALA A 260 17.67 -1.49 33.20
C ALA A 260 16.23 -2.02 33.22
N PRO A 261 15.43 -1.73 32.18
CA PRO A 261 14.05 -2.22 32.19
C PRO A 261 14.03 -3.74 32.08
N GLU A 262 12.96 -4.31 32.62
CA GLU A 262 12.67 -5.73 32.45
C GLU A 262 11.68 -5.98 31.33
N LEU A 263 11.05 -4.93 30.82
CA LEU A 263 10.15 -5.00 29.70
C LEU A 263 10.18 -3.65 29.00
N VAL A 264 10.20 -3.68 27.66
CA VAL A 264 10.17 -2.46 26.85
C VAL A 264 8.89 -2.42 26.03
N LEU A 265 8.12 -1.36 26.18
CA LEU A 265 6.95 -1.10 25.35
C LEU A 265 7.25 0.09 24.46
N VAL A 266 7.02 -0.06 23.16
CA VAL A 266 7.14 1.05 22.23
C VAL A 266 5.74 1.54 21.87
N SER A 267 5.43 2.77 22.24
CA SER A 267 4.26 3.44 21.70
C SER A 267 4.67 3.87 20.30
N ALA A 268 4.50 2.95 19.36
CA ALA A 268 5.09 3.07 18.04
C ALA A 268 4.09 3.70 17.08
N GLY A 269 3.93 5.01 17.21
CA GLY A 269 3.25 5.77 16.17
C GLY A 269 4.17 5.96 14.99
N PHE A 270 3.61 6.01 13.79
CA PHE A 270 4.45 6.25 12.62
C PHE A 270 4.07 7.53 11.89
N ASP A 271 3.62 8.54 12.62
CA ASP A 271 3.30 9.82 12.00
C ASP A 271 4.46 10.80 12.02
N ALA A 272 5.63 10.41 12.53
CA ALA A 272 6.86 11.14 12.24
C ALA A 272 7.48 10.70 10.93
N ALA A 273 6.83 9.77 10.24
CA ALA A 273 7.41 9.18 9.05
C ALA A 273 7.35 10.15 7.88
N ARG A 274 8.35 10.06 7.02
N ARG A 274 8.34 10.04 7.01
CA ARG A 274 8.30 10.68 5.70
CA ARG A 274 8.29 10.71 5.71
C ARG A 274 6.97 10.36 5.03
C ARG A 274 6.98 10.37 5.02
N GLY A 275 6.26 11.40 4.59
CA GLY A 275 5.01 11.24 3.88
C GLY A 275 3.76 11.36 4.72
N ASP A 276 3.88 11.45 6.03
CA ASP A 276 2.69 11.50 6.89
C ASP A 276 1.97 12.83 6.68
N PRO A 277 0.64 12.82 6.57
CA PRO A 277 -0.09 14.06 6.31
C PRO A 277 -0.19 14.99 7.53
N LEU A 278 0.10 14.54 8.75
CA LEU A 278 -0.07 15.37 9.95
C LEU A 278 1.23 15.76 10.63
N GLY A 279 2.26 14.90 10.57
CA GLY A 279 3.42 15.11 11.41
C GLY A 279 4.44 16.08 10.85
N GLY A 280 4.60 16.10 9.53
CA GLY A 280 5.55 16.99 8.90
C GLY A 280 7.01 16.66 9.10
N PHE A 281 7.33 15.41 9.47
CA PHE A 281 8.69 14.97 9.73
C PHE A 281 9.13 14.00 8.63
N GLN A 282 10.38 13.49 8.71
CA GLN A 282 10.87 12.63 7.63
C GLN A 282 11.70 11.46 8.17
N VAL A 283 11.28 10.86 9.29
CA VAL A 283 11.90 9.60 9.69
C VAL A 283 11.59 8.55 8.63
N THR A 284 12.61 7.79 8.23
CA THR A 284 12.47 6.81 7.16
C THR A 284 12.14 5.44 7.73
N PRO A 285 11.68 4.50 6.89
CA PRO A 285 11.49 3.14 7.39
C PRO A 285 12.79 2.53 7.91
N GLU A 286 13.92 2.86 7.30
CA GLU A 286 15.19 2.36 7.83
C GLU A 286 15.58 3.06 9.14
N GLY A 287 15.19 4.32 9.31
CA GLY A 287 15.36 4.94 10.62
C GLY A 287 14.61 4.18 11.71
N TYR A 288 13.34 3.86 11.46
CA TYR A 288 12.57 3.10 12.44
C TYR A 288 13.18 1.74 12.71
N ALA A 289 13.76 1.12 11.70
CA ALA A 289 14.45 -0.15 11.93
C ALA A 289 15.59 0.03 12.91
N HIS A 290 16.39 1.09 12.74
CA HIS A 290 17.52 1.28 13.63
C HIS A 290 17.06 1.60 15.05
N LEU A 291 16.00 2.42 15.18
CA LEU A 291 15.48 2.68 16.51
C LEU A 291 15.04 1.37 17.17
N THR A 292 14.35 0.50 16.42
CA THR A 292 13.93 -0.79 16.97
C THR A 292 15.14 -1.62 17.35
N HIS A 293 16.11 -1.72 16.43
CA HIS A 293 17.27 -2.57 16.68
C HIS A 293 17.99 -2.14 17.94
N GLN A 294 18.01 -0.84 18.22
CA GLN A 294 18.64 -0.32 19.40
C GLN A 294 17.86 -0.70 20.65
N LEU A 295 16.54 -0.57 20.61
CA LEU A 295 15.75 -0.94 21.77
C LEU A 295 15.88 -2.44 22.05
N MET A 296 16.18 -3.25 21.04
CA MET A 296 16.30 -4.69 21.32
C MET A 296 17.51 -5.05 22.18
N SER A 297 18.44 -4.12 22.41
CA SER A 297 19.56 -4.39 23.31
C SER A 297 19.20 -4.18 24.78
N LEU A 298 17.94 -3.89 25.09
CA LEU A 298 17.46 -3.71 26.44
C LEU A 298 16.57 -4.87 26.86
N ALA A 299 16.40 -5.02 28.18
CA ALA A 299 15.44 -5.97 28.77
C ALA A 299 15.59 -7.37 28.22
N ALA A 300 16.81 -7.78 27.88
CA ALA A 300 17.06 -9.10 27.30
C ALA A 300 16.19 -9.32 26.05
N GLY A 301 16.03 -8.27 25.25
CA GLY A 301 15.29 -8.35 24.02
C GLY A 301 13.78 -8.35 24.18
N ARG A 302 13.26 -8.18 25.39
CA ARG A 302 11.81 -8.24 25.61
C ARG A 302 11.19 -6.89 25.25
N VAL A 303 10.81 -6.78 23.97
CA VAL A 303 10.27 -5.56 23.38
C VAL A 303 8.91 -5.87 22.77
N LEU A 304 7.92 -5.01 23.06
CA LEU A 304 6.60 -5.06 22.46
C LEU A 304 6.34 -3.76 21.74
N ILE A 305 6.09 -3.83 20.43
CA ILE A 305 5.88 -2.66 19.59
C ILE A 305 4.38 -2.49 19.40
N ILE A 306 3.83 -1.38 19.88
CA ILE A 306 2.38 -1.15 19.90
C ILE A 306 2.04 -0.02 18.93
N LEU A 307 1.17 -0.28 17.95
CA LEU A 307 0.82 0.76 16.98
C LEU A 307 0.11 1.91 17.67
N GLU A 308 0.55 3.14 17.38
CA GLU A 308 -0.17 4.29 17.88
C GLU A 308 -0.71 5.04 16.66
N GLY A 309 -0.18 6.22 16.36
CA GLY A 309 -0.62 7.02 15.24
C GLY A 309 0.13 6.66 13.97
N GLY A 310 0.04 7.54 12.99
CA GLY A 310 0.63 7.32 11.68
C GLY A 310 -0.47 7.13 10.65
N TYR A 311 -0.48 7.98 9.62
CA TYR A 311 -1.65 8.13 8.77
C TYR A 311 -1.39 8.04 7.27
N ASN A 312 -0.15 8.03 6.82
CA ASN A 312 0.12 7.69 5.43
C ASN A 312 0.15 6.16 5.34
N LEU A 313 -0.87 5.57 4.72
CA LEU A 313 -1.00 4.11 4.71
C LEU A 313 0.26 3.42 4.19
N THR A 314 0.84 3.91 3.09
CA THR A 314 2.09 3.32 2.59
C THR A 314 3.23 3.53 3.57
N SER A 315 3.36 4.72 4.15
CA SER A 315 4.47 4.99 5.07
C SER A 315 4.40 4.09 6.30
N ILE A 316 3.22 3.98 6.92
CA ILE A 316 3.15 3.21 8.15
C ILE A 316 3.32 1.71 7.85
N SER A 317 2.85 1.26 6.68
CA SER A 317 2.97 -0.17 6.36
C SER A 317 4.42 -0.56 6.20
N GLU A 318 5.17 0.19 5.41
CA GLU A 318 6.59 -0.10 5.27
C GLU A 318 7.32 0.11 6.60
N SER A 319 6.97 1.18 7.33
CA SER A 319 7.73 1.52 8.53
C SER A 319 7.56 0.45 9.60
N MET A 320 6.32 0.01 9.84
CA MET A 320 6.15 -0.96 10.92
C MET A 320 6.63 -2.35 10.48
N SER A 321 6.53 -2.67 9.18
CA SER A 321 7.09 -3.92 8.69
C SER A 321 8.60 -3.98 8.93
N MET A 322 9.29 -2.87 8.73
CA MET A 322 10.72 -2.87 8.99
C MET A 322 11.05 -3.06 10.47
N CYS A 323 10.21 -2.55 11.39
CA CYS A 323 10.43 -2.83 12.81
C CYS A 323 10.33 -4.31 13.09
N THR A 324 9.30 -4.95 12.53
CA THR A 324 9.11 -6.38 12.71
C THR A 324 10.27 -7.18 12.12
N SER A 325 10.79 -6.74 10.97
CA SER A 325 12.01 -7.35 10.42
C SER A 325 13.15 -7.32 11.44
N MET A 326 13.33 -6.20 12.14
CA MET A 326 14.38 -6.15 13.17
C MET A 326 14.07 -7.10 14.32
N LEU A 327 12.80 -7.13 14.77
CA LEU A 327 12.42 -8.08 15.82
C LEU A 327 12.74 -9.51 15.43
N LEU A 328 12.58 -9.84 14.13
CA LEU A 328 12.85 -11.19 13.67
C LEU A 328 14.34 -11.48 13.56
N GLY A 329 15.19 -10.49 13.79
CA GLY A 329 16.61 -10.73 13.79
C GLY A 329 17.32 -10.31 12.53
N ASP A 330 16.60 -9.72 11.57
CA ASP A 330 17.26 -9.27 10.35
C ASP A 330 18.21 -8.12 10.65
N SER A 331 19.22 -7.99 9.81
CA SER A 331 20.21 -6.96 10.01
C SER A 331 19.62 -5.61 9.64
N PRO A 332 20.00 -4.55 10.35
CA PRO A 332 19.48 -3.23 10.04
C PRO A 332 19.81 -2.84 8.60
N PRO A 333 18.86 -2.27 7.87
CA PRO A 333 19.19 -1.69 6.57
C PRO A 333 20.05 -0.46 6.77
N SER A 334 20.77 -0.08 5.70
CA SER A 334 21.70 1.03 5.82
C SER A 334 20.97 2.36 5.84
N LEU A 335 21.38 3.24 6.75
CA LEU A 335 20.79 4.55 6.76
C LEU A 335 21.41 5.38 5.65
N ASP A 336 20.70 6.43 5.27
CA ASP A 336 21.27 7.41 4.36
C ASP A 336 22.37 8.16 5.08
N HIS A 337 23.29 8.74 4.32
CA HIS A 337 24.31 9.62 4.90
C HIS A 337 23.62 10.63 5.81
N LEU A 338 24.01 10.64 7.08
CA LEU A 338 23.32 11.44 8.10
C LEU A 338 23.81 12.89 8.00
N THR A 339 22.94 13.79 7.54
CA THR A 339 23.29 15.19 7.48
C THR A 339 23.54 15.73 8.89
N PRO A 340 24.23 16.87 8.99
CA PRO A 340 24.38 17.52 10.30
C PRO A 340 23.04 17.88 10.92
N LEU A 341 22.93 17.62 12.23
CA LEU A 341 21.74 17.91 13.01
C LEU A 341 21.26 19.33 12.76
N LYS A 342 19.94 19.49 12.55
CA LYS A 342 19.36 20.82 12.65
C LYS A 342 19.79 21.47 13.96
N THR A 343 20.15 22.75 13.88
CA THR A 343 20.68 23.43 15.05
C THR A 343 19.71 23.35 16.23
N SER A 344 18.42 23.58 15.98
CA SER A 344 17.44 23.53 17.06
C SER A 344 17.36 22.13 17.67
N ALA A 345 17.64 21.10 16.89
CA ALA A 345 17.63 19.76 17.44
C ALA A 345 18.73 19.59 18.46
N THR A 346 19.91 20.16 18.18
CA THR A 346 20.99 20.12 19.17
C THR A 346 20.59 20.87 20.43
N VAL A 347 19.88 22.00 20.27
CA VAL A 347 19.40 22.77 21.42
C VAL A 347 18.41 21.94 22.24
N SER A 348 17.49 21.24 21.56
CA SER A 348 16.55 20.38 22.28
C SER A 348 17.28 19.30 23.06
N ILE A 349 18.26 18.64 22.44
CA ILE A 349 18.98 17.56 23.14
C ILE A 349 19.76 18.10 24.34
N ASN A 350 20.37 19.28 24.21
CA ASN A 350 21.11 19.85 25.34
C ASN A 350 20.19 20.25 26.49
N ASN A 351 19.00 20.76 26.16
CA ASN A 351 18.03 21.11 27.20
C ASN A 351 17.62 19.87 28.00
N VAL A 352 17.34 18.75 27.31
CA VAL A 352 17.01 17.52 28.02
C VAL A 352 18.20 17.01 28.82
N LEU A 353 19.42 17.06 28.25
CA LEU A 353 20.59 16.61 29.02
C LEU A 353 20.70 17.39 30.33
N ARG A 354 20.51 18.71 30.29
CA ARG A 354 20.60 19.50 31.51
C ARG A 354 19.47 19.16 32.47
N ALA A 355 18.27 18.88 31.94
CA ALA A 355 17.16 18.54 32.81
C ALA A 355 17.37 17.23 33.54
N HIS A 356 18.06 16.25 32.93
CA HIS A 356 18.07 14.88 33.45
C HIS A 356 19.43 14.40 33.94
N ALA A 357 20.51 15.12 33.64
CA ALA A 357 21.78 14.85 34.32
C ALA A 357 21.64 14.72 35.84
N PRO A 358 20.82 15.51 36.55
CA PRO A 358 20.68 15.28 38.00
C PRO A 358 20.21 13.88 38.37
N PHE A 359 19.49 13.19 37.49
CA PHE A 359 18.88 11.92 37.85
C PHE A 359 19.52 10.72 37.18
N TRP A 360 20.30 10.93 36.13
CA TRP A 360 20.86 9.84 35.34
C TRP A 360 22.36 10.09 35.21
N SER A 361 23.14 9.33 35.97
CA SER A 361 24.58 9.58 35.98
C SER A 361 25.22 9.26 34.63
N SER A 362 24.59 8.42 33.81
CA SER A 362 25.11 8.14 32.47
C SER A 362 25.05 9.35 31.54
N LEU A 363 24.42 10.45 31.97
CA LEU A 363 24.36 11.63 31.16
C LEU A 363 25.51 12.57 31.50
N PRO B 8 -4.34 20.61 -21.55
CA PRO B 8 -3.48 19.50 -21.14
C PRO B 8 -4.02 18.80 -19.89
N ILE B 9 -5.09 18.02 -20.06
CA ILE B 9 -5.77 17.36 -18.95
C ILE B 9 -5.55 15.85 -19.06
N THR B 10 -5.35 15.20 -17.92
CA THR B 10 -5.26 13.74 -17.85
C THR B 10 -6.53 13.18 -17.22
N GLY B 11 -7.21 12.30 -17.94
CA GLY B 11 -8.39 11.65 -17.37
C GLY B 11 -8.04 10.47 -16.48
N LEU B 12 -8.90 10.20 -15.51
CA LEU B 12 -8.77 9.00 -14.68
C LEU B 12 -10.16 8.42 -14.48
N VAL B 13 -10.31 7.12 -14.72
CA VAL B 13 -11.57 6.44 -14.46
C VAL B 13 -11.32 5.33 -13.45
N TYR B 14 -12.21 5.23 -12.47
CA TYR B 14 -12.17 4.22 -11.43
C TYR B 14 -13.56 4.13 -10.82
N ASP B 15 -14.03 2.90 -10.58
CA ASP B 15 -15.30 2.67 -9.89
C ASP B 15 -15.11 1.47 -8.97
N GLN B 16 -15.33 1.69 -7.66
CA GLN B 16 -15.09 0.65 -6.68
C GLN B 16 -16.00 -0.55 -6.83
N ARG B 17 -17.10 -0.42 -7.59
CA ARG B 17 -17.97 -1.56 -7.86
C ARG B 17 -17.26 -2.68 -8.61
N MET B 18 -16.13 -2.38 -9.24
CA MET B 18 -15.39 -3.35 -10.02
C MET B 18 -14.67 -4.34 -9.08
N MET B 19 -14.62 -4.03 -7.77
CA MET B 19 -14.14 -4.96 -6.74
C MET B 19 -15.10 -6.10 -6.46
N LEU B 20 -16.36 -6.01 -6.90
CA LEU B 20 -17.33 -7.04 -6.51
C LEU B 20 -17.06 -8.38 -7.17
N HIS B 21 -16.35 -8.40 -8.30
CA HIS B 21 -15.92 -9.67 -8.89
C HIS B 21 -14.96 -10.38 -7.93
N HIS B 22 -15.30 -11.60 -7.52
CA HIS B 22 -14.47 -12.25 -6.49
C HIS B 22 -14.47 -13.75 -6.66
N ASN B 23 -13.48 -14.39 -6.02
CA ASN B 23 -13.26 -15.84 -6.10
C ASN B 23 -13.86 -16.51 -4.87
N MET B 24 -14.95 -17.25 -5.08
CA MET B 24 -15.73 -17.78 -3.98
C MET B 24 -15.04 -18.96 -3.29
N TRP B 25 -14.17 -19.68 -4.00
CA TRP B 25 -13.44 -20.80 -3.43
C TRP B 25 -12.08 -20.41 -2.88
N ASP B 26 -11.45 -19.39 -3.44
CA ASP B 26 -10.11 -19.00 -3.01
C ASP B 26 -10.10 -17.48 -2.86
N SER B 27 -10.49 -16.99 -1.70
CA SER B 27 -10.56 -15.55 -1.52
C SER B 27 -9.20 -14.89 -1.59
N HIS B 28 -8.12 -15.66 -1.57
CA HIS B 28 -6.77 -15.13 -1.67
C HIS B 28 -6.16 -15.31 -3.04
N HIS B 29 -6.97 -15.69 -4.04
CA HIS B 29 -6.52 -15.70 -5.42
C HIS B 29 -5.88 -14.36 -5.77
N PRO B 30 -4.76 -14.34 -6.50
CA PRO B 30 -4.01 -13.10 -6.68
C PRO B 30 -4.74 -11.99 -7.43
N GLU B 31 -5.74 -12.32 -8.25
CA GLU B 31 -6.51 -11.29 -8.95
C GLU B 31 -7.58 -10.75 -7.99
N LEU B 32 -7.11 -10.01 -7.00
CA LEU B 32 -7.87 -9.57 -5.83
C LEU B 32 -8.70 -8.33 -6.14
N PRO B 33 -9.90 -8.23 -5.55
CA PRO B 33 -10.64 -6.96 -5.60
C PRO B 33 -9.81 -5.74 -5.21
N GLN B 34 -8.97 -5.84 -4.18
CA GLN B 34 -8.28 -4.65 -3.72
C GLN B 34 -7.12 -4.25 -4.63
N ARG B 35 -6.85 -4.99 -5.72
CA ARG B 35 -5.89 -4.51 -6.70
C ARG B 35 -6.27 -3.11 -7.18
N ILE B 36 -7.54 -2.89 -7.52
CA ILE B 36 -7.89 -1.57 -8.05
C ILE B 36 -8.03 -0.53 -6.95
N SER B 37 -8.54 -0.91 -5.76
CA SER B 37 -8.67 0.11 -4.72
C SER B 37 -7.30 0.57 -4.22
N ARG B 38 -6.30 -0.32 -4.23
CA ARG B 38 -4.96 0.08 -3.80
C ARG B 38 -4.31 1.04 -4.79
N ILE B 39 -4.48 0.80 -6.09
CA ILE B 39 -3.95 1.75 -7.07
C ILE B 39 -4.61 3.10 -6.91
N PHE B 40 -5.95 3.11 -6.78
CA PHE B 40 -6.66 4.35 -6.56
C PHE B 40 -6.16 5.08 -5.32
N SER B 41 -6.01 4.36 -4.21
CA SER B 41 -5.56 4.95 -2.96
C SER B 41 -4.17 5.58 -3.10
N ARG B 42 -3.28 4.91 -3.83
CA ARG B 42 -1.93 5.47 -3.99
C ARG B 42 -1.98 6.77 -4.80
N HIS B 43 -2.90 6.85 -5.77
CA HIS B 43 -3.10 8.10 -6.52
C HIS B 43 -3.55 9.22 -5.59
N GLU B 44 -4.46 8.89 -4.68
CA GLU B 44 -4.88 9.84 -3.66
C GLU B 44 -3.69 10.29 -2.82
N GLU B 45 -2.96 9.33 -2.21
CA GLU B 45 -1.98 9.75 -1.22
C GLU B 45 -0.76 10.41 -1.86
N LEU B 46 -0.53 10.20 -3.16
CA LEU B 46 0.48 10.96 -3.89
C LEU B 46 -0.06 12.29 -4.44
N ARG B 47 -1.31 12.63 -4.13
CA ARG B 47 -1.97 13.85 -4.62
C ARG B 47 -1.99 13.92 -6.14
N LEU B 48 -2.02 12.74 -6.78
CA LEU B 48 -2.19 12.67 -8.23
C LEU B 48 -3.65 12.74 -8.64
N LEU B 49 -4.55 12.18 -7.81
CA LEU B 49 -5.94 12.09 -8.21
C LEU B 49 -6.55 13.46 -8.44
N SER B 50 -6.24 14.43 -7.56
CA SER B 50 -6.84 15.76 -7.70
C SER B 50 -6.35 16.50 -8.95
N ARG B 51 -5.24 16.08 -9.54
CA ARG B 51 -4.70 16.67 -10.75
C ARG B 51 -5.34 16.12 -12.02
N CYS B 52 -6.10 15.05 -11.90
CA CYS B 52 -6.76 14.39 -13.03
C CYS B 52 -8.21 14.84 -13.10
N HIS B 53 -8.76 14.74 -14.30
CA HIS B 53 -10.19 14.90 -14.49
C HIS B 53 -10.85 13.53 -14.37
N ARG B 54 -11.78 13.40 -13.44
CA ARG B 54 -12.44 12.11 -13.24
C ARG B 54 -13.41 11.85 -14.39
N ILE B 55 -13.23 10.75 -15.08
CA ILE B 55 -14.10 10.34 -16.17
C ILE B 55 -15.10 9.35 -15.60
N PRO B 56 -16.39 9.52 -15.83
CA PRO B 56 -17.36 8.61 -15.22
C PRO B 56 -17.27 7.21 -15.80
N ALA B 57 -17.50 6.23 -14.93
CA ALA B 57 -17.62 4.85 -15.35
C ALA B 57 -19.01 4.58 -15.91
N ARG B 58 -19.10 3.54 -16.76
CA ARG B 58 -20.39 3.06 -17.24
C ARG B 58 -20.23 1.60 -17.66
N LEU B 59 -21.36 0.91 -17.77
CA LEU B 59 -21.39 -0.44 -18.34
C LEU B 59 -21.26 -0.39 -19.85
N ALA B 60 -20.43 -1.28 -20.41
CA ALA B 60 -20.54 -1.58 -21.84
C ALA B 60 -21.90 -2.19 -22.14
N THR B 61 -22.39 -1.98 -23.36
CA THR B 61 -23.59 -2.64 -23.84
C THR B 61 -23.23 -3.97 -24.50
N GLU B 62 -24.24 -4.84 -24.63
CA GLU B 62 -24.02 -6.08 -25.36
C GLU B 62 -23.65 -5.81 -26.80
N GLU B 63 -24.24 -4.77 -27.42
CA GLU B 63 -23.84 -4.43 -28.78
C GLU B 63 -22.36 -4.06 -28.83
N GLU B 64 -21.85 -3.36 -27.81
CA GLU B 64 -20.43 -3.02 -27.82
C GLU B 64 -19.57 -4.25 -27.65
N LEU B 65 -19.96 -5.20 -26.79
CA LEU B 65 -19.23 -6.45 -26.65
C LEU B 65 -19.09 -7.17 -27.97
N ALA B 66 -20.13 -7.09 -28.80
CA ALA B 66 -20.14 -7.78 -30.08
C ALA B 66 -19.09 -7.24 -31.04
N LEU B 67 -18.49 -6.08 -30.75
CA LEU B 67 -17.40 -5.59 -31.59
C LEU B 67 -16.27 -6.60 -31.68
N CYS B 68 -16.03 -7.37 -30.62
CA CYS B 68 -14.97 -8.37 -30.64
C CYS B 68 -15.41 -9.76 -30.23
N HIS B 69 -16.60 -9.94 -29.65
CA HIS B 69 -16.92 -11.23 -29.04
C HIS B 69 -18.18 -11.83 -29.67
N SER B 70 -18.17 -13.16 -29.76
CA SER B 70 -19.27 -13.91 -30.35
C SER B 70 -20.51 -13.84 -29.46
N SER B 71 -21.68 -14.02 -30.08
CA SER B 71 -22.92 -13.99 -29.31
C SER B 71 -22.95 -15.13 -28.28
N LYS B 72 -22.41 -16.29 -28.64
CA LYS B 72 -22.42 -17.40 -27.70
C LYS B 72 -21.63 -17.05 -26.44
N HIS B 73 -20.45 -16.47 -26.61
CA HIS B 73 -19.61 -16.10 -25.48
C HIS B 73 -20.26 -15.03 -24.62
N ILE B 74 -20.79 -13.97 -25.25
CA ILE B 74 -21.47 -12.92 -24.51
C ILE B 74 -22.60 -13.51 -23.70
N SER B 75 -23.43 -14.34 -24.35
CA SER B 75 -24.64 -14.83 -23.70
CA SER B 75 -24.64 -14.84 -23.70
C SER B 75 -24.32 -15.73 -22.50
N ILE B 76 -23.31 -16.60 -22.61
CA ILE B 76 -23.01 -17.49 -21.49
C ILE B 76 -22.42 -16.71 -20.31
N ILE B 77 -21.46 -15.81 -20.57
CA ILE B 77 -20.95 -14.99 -19.46
C ILE B 77 -22.06 -14.13 -18.87
N LYS B 78 -22.90 -13.57 -19.73
CA LYS B 78 -24.04 -12.79 -19.26
C LYS B 78 -24.89 -13.61 -18.30
N SER B 79 -25.12 -14.88 -18.63
CA SER B 79 -26.00 -15.73 -17.84
C SER B 79 -25.45 -16.02 -16.45
N SER B 80 -24.14 -15.85 -16.25
CA SER B 80 -23.57 -16.20 -14.95
C SER B 80 -24.06 -15.27 -13.86
N GLU B 81 -24.61 -14.11 -14.21
CA GLU B 81 -25.11 -13.21 -13.18
C GLU B 81 -26.22 -13.85 -12.34
N HIS B 82 -27.01 -14.76 -12.90
CA HIS B 82 -28.10 -15.40 -12.16
C HIS B 82 -27.83 -16.85 -11.82
N MET B 83 -26.56 -17.25 -11.81
CA MET B 83 -26.22 -18.65 -11.64
C MET B 83 -26.07 -18.98 -10.16
N LYS B 84 -26.41 -20.22 -9.80
CA LYS B 84 -26.12 -20.72 -8.47
C LYS B 84 -24.63 -21.05 -8.35
N PRO B 85 -24.09 -21.13 -7.12
CA PRO B 85 -22.65 -21.38 -6.98
C PRO B 85 -22.12 -22.60 -7.72
N ARG B 86 -22.84 -23.73 -7.69
CA ARG B 86 -22.33 -24.90 -8.40
C ARG B 86 -22.26 -24.63 -9.89
N ASP B 87 -23.25 -23.90 -10.45
CA ASP B 87 -23.20 -23.47 -11.84
C ASP B 87 -21.96 -22.60 -12.10
N LEU B 88 -21.68 -21.67 -11.19
CA LEU B 88 -20.54 -20.76 -11.36
C LEU B 88 -19.22 -21.51 -11.33
N ASN B 89 -19.06 -22.42 -10.36
CA ASN B 89 -17.80 -23.16 -10.25
C ASN B 89 -17.57 -24.05 -11.47
N ARG B 90 -18.61 -24.75 -11.94
CA ARG B 90 -18.45 -25.61 -13.12
C ARG B 90 -18.17 -24.80 -14.37
N LEU B 91 -18.89 -23.69 -14.57
CA LEU B 91 -18.65 -22.88 -15.75
C LEU B 91 -17.24 -22.31 -15.74
N GLY B 92 -16.83 -21.73 -14.62
CA GLY B 92 -15.47 -21.24 -14.52
C GLY B 92 -14.44 -22.31 -14.84
N ASP B 93 -14.70 -23.54 -14.37
CA ASP B 93 -13.72 -24.60 -14.59
C ASP B 93 -13.71 -25.11 -16.02
N GLU B 94 -14.64 -24.66 -16.87
CA GLU B 94 -14.58 -24.96 -18.30
C GLU B 94 -13.47 -24.18 -19.00
N TYR B 95 -12.98 -23.10 -18.42
CA TYR B 95 -11.97 -22.26 -19.05
C TYR B 95 -10.60 -22.47 -18.39
N ASN B 96 -9.57 -21.96 -19.06
CA ASN B 96 -8.23 -21.95 -18.51
C ASN B 96 -8.09 -20.76 -17.56
N SER B 97 -8.06 -21.04 -16.25
CA SER B 97 -7.74 -20.06 -15.20
C SER B 97 -8.80 -18.95 -15.09
N ILE B 98 -10.02 -19.34 -14.79
CA ILE B 98 -11.13 -18.39 -14.64
C ILE B 98 -11.88 -18.73 -13.36
N PHE B 99 -12.18 -17.71 -12.55
CA PHE B 99 -13.18 -17.82 -11.49
C PHE B 99 -14.30 -16.83 -11.76
N ILE B 100 -15.52 -17.19 -11.37
CA ILE B 100 -16.71 -16.41 -11.68
C ILE B 100 -17.56 -16.30 -10.43
N SER B 101 -18.04 -15.09 -10.13
CA SER B 101 -19.08 -14.86 -9.13
C SER B 101 -20.27 -14.17 -9.80
N ASN B 102 -21.36 -14.00 -9.05
CA ASN B 102 -22.57 -13.43 -9.63
C ASN B 102 -22.35 -12.01 -10.14
N GLU B 103 -21.30 -11.33 -9.65
CA GLU B 103 -21.00 -9.97 -10.05
C GLU B 103 -20.00 -9.87 -11.20
N SER B 104 -19.40 -10.99 -11.61
CA SER B 104 -18.29 -10.94 -12.57
C SER B 104 -18.72 -10.27 -13.87
N TYR B 105 -19.86 -10.68 -14.43
CA TYR B 105 -20.30 -10.14 -15.72
C TYR B 105 -20.41 -8.62 -15.67
N THR B 106 -21.15 -8.11 -14.69
CA THR B 106 -21.32 -6.66 -14.55
C THR B 106 -19.97 -5.95 -14.36
N CYS B 107 -19.06 -6.56 -13.59
CA CYS B 107 -17.75 -5.93 -13.44
C CYS B 107 -17.00 -5.86 -14.77
N ALA B 108 -17.06 -6.93 -15.56
CA ALA B 108 -16.39 -6.91 -16.85
C ALA B 108 -17.00 -5.84 -17.77
N LEU B 109 -18.32 -5.67 -17.73
CA LEU B 109 -18.97 -4.58 -18.46
C LEU B 109 -18.47 -3.22 -17.99
N LEU B 110 -18.34 -3.04 -16.67
CA LEU B 110 -17.90 -1.77 -16.11
C LEU B 110 -16.46 -1.44 -16.53
N ALA B 111 -15.57 -2.44 -16.50
CA ALA B 111 -14.21 -2.26 -16.97
C ALA B 111 -14.19 -1.79 -18.43
N ALA B 112 -14.93 -2.48 -19.30
CA ALA B 112 -14.96 -2.08 -20.70
C ALA B 112 -15.59 -0.70 -20.88
N GLY B 113 -16.77 -0.49 -20.29
CA GLY B 113 -17.44 0.78 -20.45
C GLY B 113 -16.64 1.95 -19.90
N SER B 114 -15.90 1.73 -18.81
CA SER B 114 -14.99 2.75 -18.28
C SER B 114 -13.93 3.12 -19.30
N CYS B 115 -13.43 2.14 -20.05
CA CYS B 115 -12.40 2.44 -21.03
C CYS B 115 -12.97 3.10 -22.28
N PHE B 116 -14.20 2.73 -22.70
CA PHE B 116 -14.83 3.43 -23.81
C PHE B 116 -14.98 4.91 -23.50
N ASN B 117 -15.49 5.24 -22.31
CA ASN B 117 -15.64 6.63 -21.94
C ASN B 117 -14.29 7.35 -21.96
N SER B 118 -13.22 6.66 -21.54
CA SER B 118 -11.90 7.30 -21.55
C SER B 118 -11.42 7.53 -22.97
N ALA B 119 -11.60 6.55 -23.86
CA ALA B 119 -11.20 6.74 -25.24
C ALA B 119 -12.03 7.85 -25.88
N GLN B 120 -13.32 7.89 -25.57
CA GLN B 120 -14.17 8.96 -26.08
C GLN B 120 -13.68 10.32 -25.61
N ALA B 121 -13.29 10.42 -24.33
CA ALA B 121 -12.80 11.69 -23.79
C ALA B 121 -11.52 12.12 -24.50
N ILE B 122 -10.62 11.16 -24.76
CA ILE B 122 -9.38 11.47 -25.49
C ILE B 122 -9.70 11.91 -26.92
N LEU B 123 -10.55 11.15 -27.61
CA LEU B 123 -10.76 11.34 -29.04
C LEU B 123 -11.59 12.59 -29.34
N THR B 124 -12.47 13.01 -28.43
CA THR B 124 -13.18 14.26 -28.64
C THR B 124 -12.42 15.47 -28.08
N GLY B 125 -11.22 15.27 -27.53
CA GLY B 125 -10.41 16.37 -27.08
C GLY B 125 -10.75 16.91 -25.71
N GLN B 126 -11.57 16.20 -24.93
CA GLN B 126 -11.83 16.63 -23.55
C GLN B 126 -10.61 16.44 -22.65
N VAL B 127 -9.82 15.39 -22.87
CA VAL B 127 -8.58 15.16 -22.15
C VAL B 127 -7.48 14.81 -23.16
N ARG B 128 -6.23 14.98 -22.74
CA ARG B 128 -5.13 14.63 -23.63
C ARG B 128 -4.85 13.14 -23.59
N ASN B 129 -4.88 12.56 -22.39
CA ASN B 129 -4.56 11.16 -22.15
C ASN B 129 -5.36 10.73 -20.93
N ALA B 130 -5.28 9.45 -20.58
CA ALA B 130 -6.10 8.95 -19.48
C ALA B 130 -5.56 7.63 -18.97
N VAL B 131 -5.97 7.30 -17.75
CA VAL B 131 -5.60 6.06 -17.09
C VAL B 131 -6.89 5.40 -16.63
N ALA B 132 -6.98 4.07 -16.79
CA ALA B 132 -8.18 3.30 -16.46
C ALA B 132 -7.80 2.25 -15.42
N ILE B 133 -8.29 2.42 -14.20
CA ILE B 133 -7.98 1.51 -13.09
C ILE B 133 -9.15 0.54 -13.00
N VAL B 134 -9.04 -0.58 -13.73
CA VAL B 134 -10.18 -1.46 -14.00
C VAL B 134 -9.81 -2.92 -13.72
N ARG B 135 -10.82 -3.70 -13.32
CA ARG B 135 -10.75 -5.14 -13.29
C ARG B 135 -12.17 -5.68 -13.47
N PRO B 136 -12.32 -6.95 -13.86
CA PRO B 136 -11.28 -7.94 -14.25
C PRO B 136 -10.51 -7.52 -15.50
N PRO B 137 -9.31 -8.11 -15.69
CA PRO B 137 -8.48 -7.77 -16.86
C PRO B 137 -9.06 -8.29 -18.16
N GLY B 138 -8.38 -8.04 -19.28
CA GLY B 138 -8.93 -8.38 -20.57
C GLY B 138 -8.08 -9.13 -21.59
N HIS B 139 -6.75 -8.98 -21.57
CA HIS B 139 -6.01 -9.28 -22.80
C HIS B 139 -5.90 -10.77 -23.13
N HIS B 140 -6.23 -11.67 -22.19
CA HIS B 140 -6.28 -13.09 -22.49
C HIS B 140 -7.62 -13.54 -23.08
N ALA B 141 -8.66 -12.70 -23.00
CA ALA B 141 -9.97 -13.09 -23.48
C ALA B 141 -10.00 -13.16 -25.01
N GLU B 142 -10.56 -14.25 -25.53
CA GLU B 142 -10.65 -14.46 -26.97
C GLU B 142 -12.03 -14.06 -27.48
N LYS B 143 -12.15 -13.97 -28.81
CA LYS B 143 -13.47 -13.78 -29.43
C LYS B 143 -14.53 -14.63 -28.76
N ASP B 144 -14.25 -15.93 -28.62
CA ASP B 144 -15.23 -16.93 -28.26
C ASP B 144 -14.98 -17.57 -26.90
N THR B 145 -14.00 -17.10 -26.11
CA THR B 145 -13.79 -17.77 -24.84
C THR B 145 -13.12 -16.86 -23.82
N ALA B 146 -13.34 -17.19 -22.56
CA ALA B 146 -12.68 -16.53 -21.44
C ALA B 146 -11.38 -17.26 -21.10
N CYS B 147 -10.44 -16.54 -20.47
CA CYS B 147 -9.12 -17.10 -20.25
C CYS B 147 -8.31 -16.19 -19.35
N GLY B 148 -7.53 -16.80 -18.47
CA GLY B 148 -6.53 -16.08 -17.70
C GLY B 148 -7.03 -14.90 -16.89
N PHE B 149 -8.14 -15.07 -16.17
CA PHE B 149 -8.76 -14.09 -15.29
C PHE B 149 -9.53 -13.05 -16.13
N CYS B 150 -9.57 -13.18 -17.46
CA CYS B 150 -10.23 -12.22 -18.34
C CYS B 150 -11.51 -12.78 -18.93
N PHE B 151 -12.57 -11.95 -18.94
CA PHE B 151 -13.84 -12.34 -19.57
C PHE B 151 -14.02 -11.74 -20.95
N PHE B 152 -13.85 -10.42 -21.10
CA PHE B 152 -13.93 -9.77 -22.40
C PHE B 152 -12.65 -8.97 -22.61
N ASN B 153 -12.25 -8.81 -23.87
CA ASN B 153 -10.95 -8.18 -24.12
C ASN B 153 -11.14 -6.67 -24.14
N THR B 154 -11.03 -6.05 -22.96
CA THR B 154 -11.27 -4.63 -22.79
C THR B 154 -10.47 -3.78 -23.76
N ALA B 155 -9.16 -4.03 -23.88
CA ALA B 155 -8.35 -3.20 -24.77
C ALA B 155 -8.75 -3.40 -26.23
N ALA B 156 -8.99 -4.64 -26.65
CA ALA B 156 -9.42 -4.87 -28.04
C ALA B 156 -10.75 -4.17 -28.32
N LEU B 157 -11.69 -4.29 -27.38
CA LEU B 157 -12.98 -3.63 -27.50
C LEU B 157 -12.82 -2.12 -27.59
N THR B 158 -11.92 -1.55 -26.78
CA THR B 158 -11.72 -0.10 -26.80
C THR B 158 -11.15 0.35 -28.14
N ALA B 159 -10.29 -0.46 -28.76
CA ALA B 159 -9.78 -0.10 -30.08
C ALA B 159 -10.91 -0.07 -31.11
N ARG B 160 -11.77 -1.09 -31.11
CA ARG B 160 -12.90 -1.09 -32.04
C ARG B 160 -13.90 0.00 -31.70
N TYR B 161 -14.16 0.23 -30.40
CA TYR B 161 -15.03 1.33 -30.02
C TYR B 161 -14.49 2.66 -30.53
N ALA B 162 -13.17 2.86 -30.42
CA ALA B 162 -12.53 4.07 -30.92
C ALA B 162 -12.81 4.25 -32.42
N GLN B 163 -12.58 3.19 -33.19
CA GLN B 163 -12.86 3.27 -34.62
C GLN B 163 -14.35 3.51 -34.87
N SER B 164 -15.22 2.99 -34.00
CA SER B 164 -16.65 3.14 -34.22
C SER B 164 -17.12 4.58 -34.03
N ILE B 165 -16.40 5.41 -33.28
CA ILE B 165 -16.79 6.80 -33.08
C ILE B 165 -15.90 7.76 -33.86
N THR B 166 -15.00 7.25 -34.70
CA THR B 166 -14.16 8.09 -35.54
C THR B 166 -14.34 7.63 -36.97
N ARG B 167 -13.47 6.78 -37.48
CA ARG B 167 -13.64 6.09 -38.74
C ARG B 167 -13.07 4.69 -38.63
N GLU B 168 -13.57 3.78 -39.46
CA GLU B 168 -13.21 2.36 -39.34
C GLU B 168 -11.70 2.14 -39.44
N SER B 169 -10.97 2.96 -40.20
CA SER B 169 -9.55 2.71 -40.40
C SER B 169 -8.64 3.48 -39.44
N LEU B 170 -9.18 4.09 -38.38
CA LEU B 170 -8.34 4.78 -37.40
C LEU B 170 -7.20 3.88 -36.91
N ARG B 171 -5.98 4.42 -36.94
CA ARG B 171 -4.81 3.60 -36.64
C ARG B 171 -4.64 3.55 -35.12
N VAL B 172 -4.85 2.38 -34.54
CA VAL B 172 -4.69 2.16 -33.10
C VAL B 172 -3.46 1.27 -32.85
N LEU B 173 -2.56 1.75 -31.99
CA LEU B 173 -1.46 0.94 -31.48
C LEU B 173 -1.83 0.43 -30.09
N ILE B 174 -1.74 -0.88 -29.89
CA ILE B 174 -1.90 -1.50 -28.57
C ILE B 174 -0.52 -2.00 -28.15
N VAL B 175 0.03 -1.40 -27.10
CA VAL B 175 1.27 -1.88 -26.51
C VAL B 175 0.90 -2.64 -25.25
N ASP B 176 1.28 -3.92 -25.20
CA ASP B 176 0.90 -4.85 -24.14
C ASP B 176 2.17 -5.17 -23.37
N TRP B 177 2.39 -4.48 -22.25
CA TRP B 177 3.61 -4.68 -21.47
C TRP B 177 3.36 -5.49 -20.20
N ASP B 178 2.15 -6.00 -20.05
CA ASP B 178 1.92 -7.09 -19.13
C ASP B 178 2.95 -8.20 -19.39
N VAL B 179 3.35 -8.91 -18.34
CA VAL B 179 4.43 -9.86 -18.51
C VAL B 179 3.96 -11.06 -19.31
N HIS B 180 2.64 -11.27 -19.43
CA HIS B 180 2.09 -12.38 -20.19
C HIS B 180 1.67 -11.93 -21.59
N HIS B 181 1.76 -12.86 -22.53
CA HIS B 181 1.31 -12.59 -23.89
C HIS B 181 -0.18 -12.34 -23.93
N GLY B 182 -0.60 -11.31 -24.65
CA GLY B 182 -2.02 -11.06 -24.85
C GLY B 182 -2.57 -11.88 -26.00
N ASN B 183 -2.73 -13.19 -25.79
CA ASN B 183 -3.19 -14.10 -26.83
C ASN B 183 -4.50 -13.63 -27.45
N GLY B 184 -5.42 -13.15 -26.62
CA GLY B 184 -6.70 -12.71 -27.13
C GLY B 184 -6.55 -11.53 -28.07
N THR B 185 -5.76 -10.55 -27.67
CA THR B 185 -5.59 -9.36 -28.49
C THR B 185 -4.88 -9.69 -29.81
N GLN B 186 -3.84 -10.54 -29.76
CA GLN B 186 -3.17 -10.91 -31.01
C GLN B 186 -4.15 -11.57 -31.97
N HIS B 187 -4.92 -12.53 -31.47
CA HIS B 187 -5.85 -13.24 -32.33
C HIS B 187 -6.91 -12.31 -32.88
N ILE B 188 -7.45 -11.43 -32.04
CA ILE B 188 -8.55 -10.58 -32.48
C ILE B 188 -8.11 -9.71 -33.65
N PHE B 189 -6.89 -9.21 -33.61
CA PHE B 189 -6.40 -8.30 -34.63
C PHE B 189 -5.38 -8.94 -35.56
N GLU B 190 -5.24 -10.27 -35.52
CA GLU B 190 -4.19 -10.94 -36.28
C GLU B 190 -4.27 -10.66 -37.78
N GLU B 191 -5.47 -10.45 -38.31
CA GLU B 191 -5.64 -10.19 -39.74
C GLU B 191 -5.91 -8.73 -40.04
N ASP B 192 -5.54 -7.83 -39.12
CA ASP B 192 -5.95 -6.44 -39.20
C ASP B 192 -4.74 -5.54 -39.30
N ASP B 193 -4.71 -4.67 -40.32
CA ASP B 193 -3.61 -3.72 -40.46
C ASP B 193 -3.94 -2.35 -39.90
N SER B 194 -5.13 -2.17 -39.33
CA SER B 194 -5.47 -0.92 -38.66
C SER B 194 -5.21 -0.94 -37.16
N VAL B 195 -4.94 -2.10 -36.56
CA VAL B 195 -4.62 -2.20 -35.15
C VAL B 195 -3.28 -2.92 -35.03
N LEU B 196 -2.23 -2.17 -34.71
CA LEU B 196 -0.89 -2.71 -34.54
C LEU B 196 -0.78 -3.21 -33.12
N TYR B 197 -0.51 -4.51 -32.96
CA TYR B 197 -0.35 -5.13 -31.65
C TYR B 197 1.13 -5.40 -31.40
N ILE B 198 1.65 -4.83 -30.31
CA ILE B 198 3.03 -5.00 -29.86
C ILE B 198 2.98 -5.51 -28.43
N SER B 199 3.51 -6.71 -28.21
CA SER B 199 3.54 -7.35 -26.90
C SER B 199 4.96 -7.72 -26.52
N LEU B 200 5.38 -7.34 -25.32
CA LEU B 200 6.56 -7.88 -24.66
C LEU B 200 6.08 -8.86 -23.60
N HIS B 201 6.76 -10.00 -23.48
CA HIS B 201 6.24 -11.00 -22.58
C HIS B 201 7.29 -12.04 -22.26
N ARG B 202 7.21 -12.54 -21.03
CA ARG B 202 7.96 -13.74 -20.66
C ARG B 202 7.41 -14.93 -21.43
N TYR B 203 8.31 -15.65 -22.11
CA TYR B 203 7.94 -16.70 -23.04
C TYR B 203 8.51 -18.06 -22.62
N GLU B 204 9.81 -18.13 -22.40
CA GLU B 204 10.50 -19.35 -21.99
C GLU B 204 10.20 -20.49 -22.96
N ASP B 205 10.35 -20.20 -24.24
CA ASP B 205 10.15 -21.19 -25.31
C ASP B 205 8.77 -21.82 -25.21
N GLY B 206 7.77 -21.05 -24.77
CA GLY B 206 6.43 -21.53 -24.62
C GLY B 206 6.09 -22.13 -23.27
N ALA B 207 7.03 -22.18 -22.33
CA ALA B 207 6.79 -22.73 -21.00
C ALA B 207 6.48 -21.61 -20.00
N PHE B 208 5.55 -20.73 -20.36
CA PHE B 208 5.08 -19.69 -19.46
C PHE B 208 3.66 -19.35 -19.88
N PHE B 209 2.79 -19.11 -18.91
CA PHE B 209 1.40 -18.82 -19.24
C PHE B 209 1.34 -17.68 -20.27
N PRO B 210 0.49 -17.77 -21.31
CA PRO B 210 -0.53 -18.80 -21.56
C PRO B 210 -0.04 -20.04 -22.33
N ASN B 211 1.26 -20.30 -22.38
CA ASN B 211 1.81 -21.61 -22.76
C ASN B 211 1.58 -21.96 -24.23
N SER B 212 1.67 -20.97 -25.11
CA SER B 212 1.45 -21.22 -26.52
C SER B 212 2.56 -20.60 -27.35
N GLU B 213 2.97 -21.32 -28.41
CA GLU B 213 3.95 -20.78 -29.34
C GLU B 213 3.39 -19.67 -30.21
N ASP B 214 2.09 -19.37 -30.11
CA ASP B 214 1.58 -18.16 -30.75
C ASP B 214 2.32 -16.91 -30.29
N ALA B 215 2.90 -16.94 -29.09
CA ALA B 215 3.58 -15.76 -28.56
C ALA B 215 4.98 -15.56 -29.13
N ASN B 216 5.48 -16.46 -29.97
CA ASN B 216 6.87 -16.34 -30.43
C ASN B 216 7.04 -15.21 -31.45
N TYR B 217 8.30 -14.82 -31.70
CA TYR B 217 8.58 -13.63 -32.50
C TYR B 217 8.23 -13.80 -33.97
N ASP B 218 8.10 -15.04 -34.43
CA ASP B 218 7.83 -15.29 -35.83
C ASP B 218 6.34 -15.17 -36.17
N LYS B 219 5.48 -14.95 -35.20
CA LYS B 219 4.07 -14.72 -35.48
C LYS B 219 3.92 -13.24 -35.75
N VAL B 220 3.91 -12.89 -37.04
CA VAL B 220 3.96 -11.49 -37.47
C VAL B 220 2.61 -10.99 -37.95
N GLY B 221 1.56 -11.80 -37.84
CA GLY B 221 0.26 -11.47 -38.39
C GLY B 221 -0.05 -12.28 -39.64
N LEU B 222 -1.30 -12.16 -40.09
CA LEU B 222 -1.81 -13.00 -41.18
C LEU B 222 -2.60 -12.17 -42.16
N GLY B 223 -2.53 -12.57 -43.44
CA GLY B 223 -3.34 -11.93 -44.49
C GLY B 223 -3.02 -10.45 -44.58
N LYS B 224 -4.08 -9.61 -44.57
CA LYS B 224 -3.90 -8.16 -44.55
C LYS B 224 -3.13 -7.67 -43.33
N GLY B 225 -3.10 -8.45 -42.25
CA GLY B 225 -2.39 -8.08 -41.04
C GLY B 225 -0.91 -8.45 -40.97
N ARG B 226 -0.33 -9.08 -42.00
CA ARG B 226 1.07 -9.47 -41.89
CA ARG B 226 1.08 -9.46 -41.93
C ARG B 226 1.94 -8.24 -41.67
N GLY B 227 2.79 -8.32 -40.63
CA GLY B 227 3.64 -7.24 -40.21
C GLY B 227 3.08 -6.39 -39.09
N TYR B 228 1.79 -6.53 -38.78
CA TYR B 228 1.11 -5.70 -37.81
C TYR B 228 0.92 -6.41 -36.47
N ASN B 229 1.66 -7.48 -36.23
CA ASN B 229 1.73 -8.18 -34.96
C ASN B 229 3.20 -8.34 -34.60
N VAL B 230 3.60 -7.76 -33.47
CA VAL B 230 5.00 -7.78 -33.05
C VAL B 230 5.06 -8.43 -31.67
N ASN B 231 5.59 -9.64 -31.62
CA ASN B 231 5.82 -10.37 -30.37
C ASN B 231 7.28 -10.23 -29.99
N ILE B 232 7.53 -9.77 -28.76
CA ILE B 232 8.87 -9.64 -28.20
C ILE B 232 8.98 -10.61 -27.04
N PRO B 233 9.45 -11.83 -27.29
CA PRO B 233 9.43 -12.87 -26.25
C PRO B 233 10.74 -12.97 -25.49
N TRP B 234 10.66 -13.00 -24.16
CA TRP B 234 11.84 -13.12 -23.30
C TRP B 234 12.05 -14.58 -22.93
N ASN B 235 13.31 -15.03 -22.98
CA ASN B 235 13.69 -16.37 -22.56
C ASN B 235 14.89 -16.32 -21.62
N GLY B 236 14.87 -17.15 -20.57
CA GLY B 236 16.03 -17.41 -19.73
C GLY B 236 16.72 -16.19 -19.14
N GLY B 237 16.06 -15.52 -18.19
CA GLY B 237 16.59 -14.31 -17.60
C GLY B 237 15.51 -13.48 -16.92
N LYS B 238 15.80 -12.92 -15.75
CA LYS B 238 14.83 -12.08 -15.04
C LYS B 238 14.97 -10.68 -15.60
N MET B 239 14.17 -10.37 -16.63
CA MET B 239 14.39 -9.10 -17.30
C MET B 239 13.85 -7.95 -16.48
N GLY B 240 14.38 -6.78 -16.74
CA GLY B 240 14.08 -5.59 -15.97
C GLY B 240 14.21 -4.36 -16.83
N ASP B 241 14.49 -3.23 -16.19
CA ASP B 241 14.50 -1.95 -16.91
C ASP B 241 15.45 -1.95 -18.09
N PRO B 242 16.69 -2.45 -18.01
CA PRO B 242 17.58 -2.34 -19.16
C PRO B 242 17.04 -3.07 -20.37
N GLU B 243 16.48 -4.27 -20.15
CA GLU B 243 15.94 -5.03 -21.27
C GLU B 243 14.73 -4.34 -21.88
N TYR B 244 13.84 -3.79 -21.04
CA TYR B 244 12.66 -3.15 -21.61
C TYR B 244 13.02 -1.85 -22.31
N MET B 245 13.94 -1.05 -21.75
CA MET B 245 14.39 0.13 -22.48
C MET B 245 14.97 -0.24 -23.85
N ALA B 246 15.76 -1.31 -23.91
CA ALA B 246 16.38 -1.71 -25.17
C ALA B 246 15.34 -2.15 -26.19
N ALA B 247 14.36 -2.95 -25.77
CA ALA B 247 13.26 -3.33 -26.66
C ALA B 247 12.53 -2.10 -27.20
N PHE B 248 12.26 -1.11 -26.33
CA PHE B 248 11.59 0.10 -26.80
C PHE B 248 12.46 0.88 -27.80
N HIS B 249 13.76 0.98 -27.52
CA HIS B 249 14.63 1.75 -28.41
C HIS B 249 14.75 1.10 -29.78
N HIS B 250 14.98 -0.21 -29.81
CA HIS B 250 15.27 -0.89 -31.06
C HIS B 250 14.02 -1.31 -31.82
N LEU B 251 12.92 -1.59 -31.12
CA LEU B 251 11.74 -2.21 -31.74
C LEU B 251 10.47 -1.39 -31.55
N VAL B 252 10.05 -1.15 -30.31
CA VAL B 252 8.69 -0.63 -30.09
C VAL B 252 8.54 0.76 -30.69
N MET B 253 9.42 1.68 -30.31
CA MET B 253 9.34 3.06 -30.82
C MET B 253 9.54 3.18 -32.33
N PRO B 254 10.55 2.55 -32.96
CA PRO B 254 10.68 2.71 -34.42
C PRO B 254 9.45 2.21 -35.19
N ILE B 255 8.96 1.01 -34.88
CA ILE B 255 7.75 0.51 -35.54
C ILE B 255 6.57 1.43 -35.27
N ALA B 256 6.38 1.82 -34.01
CA ALA B 256 5.26 2.69 -33.66
C ALA B 256 5.33 3.99 -34.44
N ARG B 257 6.50 4.62 -34.48
CA ARG B 257 6.66 5.86 -35.23
CA ARG B 257 6.62 5.87 -35.22
C ARG B 257 6.37 5.66 -36.71
N GLU B 258 6.80 4.54 -37.27
CA GLU B 258 6.49 4.28 -38.69
C GLU B 258 4.99 4.08 -38.88
N PHE B 259 4.34 3.31 -38.00
CA PHE B 259 2.89 3.08 -38.06
C PHE B 259 2.11 4.38 -37.93
N ALA B 260 2.65 5.34 -37.16
CA ALA B 260 2.02 6.63 -36.86
C ALA B 260 0.60 6.43 -36.33
N PRO B 261 0.43 5.85 -35.13
CA PRO B 261 -0.93 5.63 -34.63
C PRO B 261 -1.64 6.94 -34.38
N GLU B 262 -2.96 6.90 -34.46
CA GLU B 262 -3.80 8.02 -34.07
C GLU B 262 -4.33 7.85 -32.65
N LEU B 263 -4.16 6.68 -32.05
CA LEU B 263 -4.52 6.44 -30.66
C LEU B 263 -3.62 5.34 -30.12
N VAL B 264 -3.16 5.50 -28.88
CA VAL B 264 -2.32 4.49 -28.23
C VAL B 264 -3.06 3.95 -27.02
N LEU B 265 -3.25 2.64 -26.98
CA LEU B 265 -3.75 1.95 -25.81
C LEU B 265 -2.62 1.12 -25.24
N VAL B 266 -2.38 1.24 -23.95
CA VAL B 266 -1.42 0.38 -23.27
C VAL B 266 -2.21 -0.69 -22.53
N SER B 267 -2.02 -1.94 -22.91
CA SER B 267 -2.45 -3.06 -22.07
C SER B 267 -1.41 -3.09 -20.96
N ALA B 268 -1.70 -2.33 -19.91
CA ALA B 268 -0.72 -2.01 -18.89
C ALA B 268 -0.88 -2.98 -17.71
N GLY B 269 -0.42 -4.20 -17.91
CA GLY B 269 -0.24 -5.08 -16.77
C GLY B 269 1.02 -4.71 -16.02
N PHE B 270 1.02 -4.93 -14.70
CA PHE B 270 2.21 -4.64 -13.92
C PHE B 270 2.76 -5.88 -13.24
N ASP B 271 2.63 -7.05 -13.87
CA ASP B 271 3.19 -8.26 -13.30
C ASP B 271 4.58 -8.56 -13.80
N ALA B 272 5.16 -7.70 -14.62
CA ALA B 272 6.60 -7.73 -14.86
C ALA B 272 7.34 -6.92 -13.81
N ALA B 273 6.62 -6.39 -12.82
CA ALA B 273 7.23 -5.51 -11.83
C ALA B 273 8.06 -6.30 -10.84
N ARG B 274 9.15 -5.67 -10.41
CA ARG B 274 9.89 -6.16 -9.25
C ARG B 274 8.93 -6.42 -8.11
N GLY B 275 9.03 -7.61 -7.50
CA GLY B 275 8.16 -8.01 -6.42
C GLY B 275 6.89 -8.75 -6.80
N ASP B 276 6.58 -8.88 -8.10
CA ASP B 276 5.32 -9.54 -8.45
C ASP B 276 5.39 -11.03 -8.10
N PRO B 277 4.34 -11.59 -7.51
CA PRO B 277 4.40 -13.01 -7.11
C PRO B 277 4.34 -13.98 -8.27
N LEU B 278 3.96 -13.53 -9.46
CA LEU B 278 3.73 -14.41 -10.60
C LEU B 278 4.73 -14.25 -11.71
N GLY B 279 5.25 -13.04 -11.92
CA GLY B 279 5.98 -12.76 -13.14
C GLY B 279 7.45 -13.09 -13.12
N GLY B 280 8.09 -12.93 -11.95
CA GLY B 280 9.51 -13.20 -11.82
C GLY B 280 10.44 -12.22 -12.51
N PHE B 281 9.96 -11.02 -12.85
CA PHE B 281 10.75 -10.00 -13.52
C PHE B 281 10.99 -8.85 -12.55
N GLN B 282 11.72 -7.83 -12.99
CA GLN B 282 12.11 -6.76 -12.06
C GLN B 282 12.05 -5.39 -12.72
N VAL B 283 11.03 -5.13 -13.54
CA VAL B 283 10.82 -3.75 -14.00
C VAL B 283 10.42 -2.90 -12.79
N THR B 284 11.02 -1.73 -12.68
CA THR B 284 10.78 -0.83 -11.55
C THR B 284 9.69 0.18 -11.93
N PRO B 285 9.12 0.89 -10.94
CA PRO B 285 8.17 1.95 -11.30
C PRO B 285 8.78 3.03 -12.14
N GLU B 286 10.07 3.32 -11.96
CA GLU B 286 10.72 4.30 -12.82
C GLU B 286 10.87 3.76 -14.23
N GLY B 287 11.08 2.46 -14.37
CA GLY B 287 11.07 1.85 -15.70
C GLY B 287 9.74 2.03 -16.40
N TYR B 288 8.64 1.72 -15.70
CA TYR B 288 7.33 1.94 -16.31
C TYR B 288 7.10 3.40 -16.62
N ALA B 289 7.62 4.30 -15.78
CA ALA B 289 7.48 5.73 -16.05
C ALA B 289 8.17 6.08 -17.36
N HIS B 290 9.35 5.52 -17.60
CA HIS B 290 10.06 5.84 -18.83
C HIS B 290 9.33 5.26 -20.04
N LEU B 291 8.79 4.04 -19.90
CA LEU B 291 8.01 3.46 -20.99
C LEU B 291 6.81 4.34 -21.32
N THR B 292 6.10 4.82 -20.29
CA THR B 292 4.96 5.71 -20.52
C THR B 292 5.41 6.99 -21.21
N HIS B 293 6.47 7.60 -20.70
CA HIS B 293 6.94 8.85 -21.27
C HIS B 293 7.30 8.67 -22.74
N GLN B 294 7.86 7.50 -23.10
CA GLN B 294 8.21 7.29 -24.51
C GLN B 294 6.95 7.15 -25.36
N LEU B 295 5.98 6.39 -24.89
CA LEU B 295 4.74 6.27 -25.64
C LEU B 295 4.03 7.60 -25.77
N MET B 296 4.28 8.54 -24.85
CA MET B 296 3.59 9.83 -24.89
C MET B 296 3.97 10.66 -26.11
N SER B 297 5.08 10.34 -26.77
CA SER B 297 5.50 11.05 -27.97
C SER B 297 4.81 10.56 -29.24
N LEU B 298 3.86 9.65 -29.12
CA LEU B 298 3.11 9.15 -30.28
C LEU B 298 1.69 9.70 -30.26
N ALA B 299 1.04 9.61 -31.42
CA ALA B 299 -0.39 9.92 -31.56
C ALA B 299 -0.76 11.28 -30.95
N ALA B 300 0.15 12.26 -31.06
CA ALA B 300 -0.08 13.58 -30.48
C ALA B 300 -0.42 13.47 -28.99
N GLY B 301 0.20 12.50 -28.32
CA GLY B 301 0.00 12.29 -26.90
C GLY B 301 -1.29 11.59 -26.52
N ARG B 302 -2.08 11.10 -27.49
CA ARG B 302 -3.37 10.49 -27.16
C ARG B 302 -3.09 9.05 -26.71
N VAL B 303 -2.92 8.89 -25.38
CA VAL B 303 -2.52 7.62 -24.77
C VAL B 303 -3.53 7.25 -23.69
N LEU B 304 -4.02 6.01 -23.74
CA LEU B 304 -4.90 5.49 -22.71
C LEU B 304 -4.23 4.26 -22.08
N ILE B 305 -3.99 4.33 -20.77
CA ILE B 305 -3.31 3.27 -20.03
C ILE B 305 -4.37 2.43 -19.34
N ILE B 306 -4.45 1.14 -19.69
CA ILE B 306 -5.50 0.23 -19.19
C ILE B 306 -4.89 -0.84 -18.30
N LEU B 307 -5.37 -0.95 -17.06
CA LEU B 307 -4.86 -1.98 -16.14
C LEU B 307 -5.14 -3.37 -16.68
N GLU B 308 -4.11 -4.21 -16.72
CA GLU B 308 -4.30 -5.62 -17.01
C GLU B 308 -3.95 -6.40 -15.74
N GLY B 309 -2.84 -7.12 -15.75
CA GLY B 309 -2.42 -7.93 -14.62
C GLY B 309 -1.53 -7.17 -13.65
N GLY B 310 -0.86 -7.92 -12.79
CA GLY B 310 -0.04 -7.34 -11.74
C GLY B 310 -0.65 -7.59 -10.38
N TYR B 311 0.09 -8.23 -9.49
CA TYR B 311 -0.48 -8.85 -8.31
C TYR B 311 0.22 -8.52 -6.99
N ASN B 312 1.39 -7.89 -7.01
CA ASN B 312 1.92 -7.31 -5.78
C ASN B 312 1.25 -5.95 -5.59
N LEU B 313 0.37 -5.84 -4.58
CA LEU B 313 -0.44 -4.65 -4.36
C LEU B 313 0.41 -3.38 -4.25
N THR B 314 1.50 -3.45 -3.50
CA THR B 314 2.38 -2.29 -3.41
C THR B 314 3.07 -2.00 -4.74
N SER B 315 3.54 -3.05 -5.43
CA SER B 315 4.25 -2.86 -6.71
C SER B 315 3.34 -2.23 -7.76
N ILE B 316 2.13 -2.74 -7.91
CA ILE B 316 1.27 -2.21 -8.96
C ILE B 316 0.84 -0.79 -8.61
N SER B 317 0.66 -0.51 -7.31
CA SER B 317 0.21 0.82 -6.89
C SER B 317 1.28 1.88 -7.18
N GLU B 318 2.53 1.61 -6.81
CA GLU B 318 3.59 2.55 -7.15
C GLU B 318 3.77 2.61 -8.67
N SER B 319 3.69 1.47 -9.34
CA SER B 319 4.03 1.42 -10.75
C SER B 319 3.01 2.22 -11.58
N MET B 320 1.73 1.99 -11.34
CA MET B 320 0.77 2.64 -12.21
C MET B 320 0.59 4.12 -11.84
N SER B 321 0.74 4.47 -10.55
CA SER B 321 0.75 5.88 -10.16
CA SER B 321 0.72 5.89 -10.20
C SER B 321 1.87 6.64 -10.86
N MET B 322 3.05 6.02 -10.98
CA MET B 322 4.14 6.64 -11.72
C MET B 322 3.79 6.90 -13.17
N CYS B 323 3.04 5.98 -13.80
CA CYS B 323 2.63 6.20 -15.17
C CYS B 323 1.73 7.43 -15.27
N THR B 324 0.77 7.55 -14.34
CA THR B 324 -0.12 8.70 -14.34
C THR B 324 0.65 9.99 -14.13
N SER B 325 1.64 9.95 -13.24
CA SER B 325 2.52 11.10 -13.08
C SER B 325 3.14 11.47 -14.41
N MET B 326 3.50 10.46 -15.20
CA MET B 326 4.11 10.72 -16.50
C MET B 326 3.09 11.37 -17.43
N LEU B 327 1.85 10.83 -17.50
CA LEU B 327 0.78 11.42 -18.33
C LEU B 327 0.49 12.88 -17.95
N LEU B 328 0.59 13.22 -16.67
CA LEU B 328 0.34 14.57 -16.17
C LEU B 328 1.47 15.53 -16.49
N GLY B 329 2.56 15.04 -17.08
CA GLY B 329 3.62 15.90 -17.55
C GLY B 329 4.80 16.01 -16.62
N ASP B 330 4.82 15.28 -15.51
CA ASP B 330 5.96 15.31 -14.61
C ASP B 330 7.19 14.74 -15.30
N SER B 331 8.35 15.21 -14.84
CA SER B 331 9.58 14.81 -15.50
C SER B 331 9.93 13.38 -15.12
N PRO B 332 10.46 12.59 -16.06
CA PRO B 332 10.82 11.20 -15.76
C PRO B 332 11.84 11.14 -14.64
N PRO B 333 11.65 10.25 -13.67
CA PRO B 333 12.71 10.01 -12.69
C PRO B 333 13.86 9.27 -13.34
N SER B 334 15.04 9.39 -12.73
CA SER B 334 16.21 8.72 -13.28
C SER B 334 16.16 7.23 -12.97
N LEU B 335 16.60 6.43 -13.93
CA LEU B 335 16.72 4.99 -13.77
C LEU B 335 17.99 4.65 -12.97
N ASP B 336 18.00 3.44 -12.40
CA ASP B 336 19.21 2.92 -11.72
C ASP B 336 20.35 2.64 -12.70
N PRO B 340 22.94 -3.92 -17.41
CA PRO B 340 23.72 -4.43 -18.55
C PRO B 340 22.92 -5.52 -19.20
N LEU B 341 22.66 -5.42 -20.49
CA LEU B 341 21.72 -6.33 -21.14
C LEU B 341 22.07 -7.79 -20.91
N LYS B 342 21.07 -8.53 -20.43
CA LYS B 342 21.13 -9.99 -20.50
C LYS B 342 21.37 -10.40 -21.95
N THR B 343 22.25 -11.38 -22.14
CA THR B 343 22.61 -11.82 -23.48
C THR B 343 21.38 -12.30 -24.25
N SER B 344 20.56 -13.17 -23.62
CA SER B 344 19.38 -13.71 -24.27
C SER B 344 18.39 -12.61 -24.65
N ALA B 345 18.36 -11.51 -23.89
CA ALA B 345 17.47 -10.42 -24.24
C ALA B 345 17.86 -9.80 -25.57
N THR B 346 19.15 -9.60 -25.79
CA THR B 346 19.60 -9.11 -27.09
C THR B 346 19.31 -10.13 -28.18
N VAL B 347 19.44 -11.43 -27.86
CA VAL B 347 19.08 -12.48 -28.81
C VAL B 347 17.61 -12.38 -29.20
N SER B 348 16.74 -12.16 -28.21
CA SER B 348 15.33 -11.99 -28.48
C SER B 348 15.08 -10.77 -29.36
N ILE B 349 15.75 -9.66 -29.06
CA ILE B 349 15.54 -8.44 -29.82
C ILE B 349 16.01 -8.62 -31.26
N ASN B 350 17.12 -9.34 -31.45
CA ASN B 350 17.66 -9.57 -32.79
C ASN B 350 16.75 -10.48 -33.60
N ASN B 351 16.12 -11.46 -32.95
CA ASN B 351 15.16 -12.33 -33.63
C ASN B 351 13.96 -11.54 -34.14
N VAL B 352 13.42 -10.66 -33.29
CA VAL B 352 12.28 -9.84 -33.70
C VAL B 352 12.70 -8.90 -34.82
N LEU B 353 13.90 -8.31 -34.71
CA LEU B 353 14.41 -7.43 -35.76
C LEU B 353 14.42 -8.13 -37.11
N ARG B 354 14.89 -9.38 -37.15
CA ARG B 354 14.92 -10.12 -38.41
C ARG B 354 13.51 -10.47 -38.86
N ALA B 355 12.63 -10.78 -37.90
CA ALA B 355 11.27 -11.16 -38.26
C ALA B 355 10.50 -10.00 -38.89
N HIS B 356 10.80 -8.77 -38.52
CA HIS B 356 9.98 -7.64 -38.88
C HIS B 356 10.68 -6.64 -39.80
N ALA B 357 12.00 -6.77 -39.99
CA ALA B 357 12.67 -6.04 -41.05
C ALA B 357 11.94 -6.10 -42.39
N PRO B 358 11.36 -7.23 -42.84
CA PRO B 358 10.62 -7.19 -44.11
C PRO B 358 9.48 -6.17 -44.13
N PHE B 359 8.91 -5.80 -42.98
CA PHE B 359 7.71 -4.99 -42.97
C PHE B 359 7.91 -3.57 -42.49
N TRP B 360 9.03 -3.27 -41.83
CA TRP B 360 9.26 -1.96 -41.21
C TRP B 360 10.63 -1.46 -41.63
N SER B 361 10.65 -0.48 -42.54
CA SER B 361 11.93 -0.01 -43.05
C SER B 361 12.78 0.69 -41.97
N SER B 362 12.15 1.22 -40.91
CA SER B 362 12.91 1.82 -39.83
C SER B 362 13.74 0.79 -39.04
N LEU B 363 13.60 -0.50 -39.34
CA LEU B 363 14.38 -1.54 -38.65
C LEU B 363 15.65 -1.89 -39.43
#